data_7BUK
#
_entry.id   7BUK
#
_cell.length_a   117.592
_cell.length_b   81.269
_cell.length_c   99.522
_cell.angle_alpha   90.000
_cell.angle_beta   97.320
_cell.angle_gamma   90.000
#
_symmetry.space_group_name_H-M   'C 1 2 1'
#
loop_
_entity.id
_entity.type
_entity.pdbx_description
1 polymer Lipase
2 non-polymer 'ZINC ION'
3 non-polymer 'CALCIUM ION'
4 water water
#
_entity_poly.entity_id   1
_entity_poly.type   'polypeptide(L)'
_entity_poly.pdbx_seq_one_letter_code
;MSPISRHHHHHHLVPRGSASLRANDAPIVLLHGFTGWGREEMFGFKYWGGVRGDIEQWLNENGYRTYTLAVGPLSSNWDR
ACEAYAQLVGGTVDYGAAHAAKHGHARFGRTYPGLLPELKRGGRIHIIAHSQGGQNARMLVSLLENGSQEEREYAKAHNV
SLSPLFEGGHHFVLSVTTIATPHDGTTLVNMVDFTDRFFDLQKAVLEAAAVASNVPYTSQVYDFKLDQWGLRRQPGESFD
HYFDRLKRSPVWTSTDTARYDLSVSGALKLNQWVQASPNTYYLSFSTERTYRGALTGNHYPELGMNAFSAVVCAPFLGSY
REPTLGIDDRWLENDGIVNTVSMNGPKRGSSDRIVPYDGTLKKGVWNDMGTYNVDHLEIIGVDPNPSFDIRAFYLRLAEQ
LASLRP
;
_entity_poly.pdbx_strand_id   A,B
#
loop_
_chem_comp.id
_chem_comp.type
_chem_comp.name
_chem_comp.formula
CA non-polymer 'CALCIUM ION' 'Ca 2'
ZN non-polymer 'ZINC ION' 'Zn 2'
#
# COMPACT_ATOMS: atom_id res chain seq x y z
N SER A 20 5.17 5.31 31.42
CA SER A 20 5.57 4.74 32.75
C SER A 20 6.92 5.32 33.19
N LEU A 21 7.19 5.32 34.50
CA LEU A 21 8.42 5.89 35.13
C LEU A 21 9.65 5.12 34.63
N ARG A 22 10.79 5.80 34.38
CA ARG A 22 12.10 5.22 33.93
C ARG A 22 12.76 4.39 35.07
N ALA A 23 12.85 3.06 34.91
CA ALA A 23 13.37 2.11 35.92
C ALA A 23 14.81 1.66 35.61
N ASN A 24 15.35 1.97 34.43
CA ASN A 24 16.68 1.48 33.97
C ASN A 24 17.32 2.51 33.04
N ASP A 25 18.64 2.52 32.93
CA ASP A 25 19.45 3.48 32.11
C ASP A 25 20.15 2.75 30.96
N ALA A 26 19.74 1.53 30.65
CA ALA A 26 20.35 0.75 29.55
C ALA A 26 20.07 1.49 28.24
N PRO A 27 21.14 1.76 27.44
CA PRO A 27 20.98 2.31 26.10
C PRO A 27 20.44 1.30 25.08
N ILE A 28 19.89 1.82 23.99
CA ILE A 28 19.24 1.07 22.88
C ILE A 28 20.28 0.80 21.78
N VAL A 29 20.29 -0.40 21.19
CA VAL A 29 21.11 -0.74 19.99
C VAL A 29 20.16 -1.16 18.87
N LEU A 30 20.17 -0.47 17.74
CA LEU A 30 19.32 -0.81 16.58
C LEU A 30 20.11 -1.81 15.74
N LEU A 31 19.45 -2.92 15.38
CA LEU A 31 20.02 -4.07 14.64
C LEU A 31 19.15 -4.40 13.42
N HIS A 32 19.70 -4.19 12.23
CA HIS A 32 19.02 -4.31 10.91
C HIS A 32 18.70 -5.76 10.56
N GLY A 33 18.09 -5.98 9.39
CA GLY A 33 17.67 -7.29 8.87
C GLY A 33 18.65 -7.86 7.87
N PHE A 34 18.15 -8.55 6.84
CA PHE A 34 18.98 -9.20 5.79
C PHE A 34 19.40 -8.13 4.79
N THR A 35 18.95 -6.91 4.99
CA THR A 35 19.49 -5.68 4.37
C THR A 35 19.78 -4.70 5.49
N GLY A 36 20.80 -3.86 5.36
CA GLY A 36 21.18 -2.88 6.40
C GLY A 36 22.64 -2.48 6.29
N TRP A 37 23.00 -1.37 6.94
CA TRP A 37 24.28 -0.64 6.73
C TRP A 37 24.48 0.43 7.82
N GLY A 38 25.74 0.74 8.13
CA GLY A 38 26.09 1.69 9.20
C GLY A 38 25.63 3.08 8.83
N ARG A 39 25.74 4.02 9.77
CA ARG A 39 25.21 5.41 9.62
C ARG A 39 26.04 6.23 8.63
N GLU A 40 27.32 5.91 8.42
CA GLU A 40 28.17 6.64 7.44
C GLU A 40 28.00 6.03 6.05
N GLU A 41 27.33 4.88 5.92
CA GLU A 41 27.20 4.17 4.62
C GLU A 41 26.03 4.77 3.83
N MET A 42 25.88 4.41 2.55
CA MET A 42 24.70 4.77 1.70
C MET A 42 24.48 6.28 1.70
N PHE A 43 25.58 7.03 1.72
CA PHE A 43 25.66 8.50 1.67
C PHE A 43 24.81 9.11 2.81
N GLY A 44 24.63 8.38 3.91
CA GLY A 44 23.87 8.85 5.09
C GLY A 44 22.36 8.55 5.10
N PHE A 45 21.80 7.90 4.06
CA PHE A 45 20.37 7.48 4.06
C PHE A 45 20.19 6.40 5.12
N LYS A 46 19.56 6.71 6.24
CA LYS A 46 19.42 5.77 7.40
C LYS A 46 18.47 4.62 7.06
N TYR A 47 18.92 3.39 7.33
CA TYR A 47 18.09 2.15 7.30
C TYR A 47 17.01 2.29 8.36
N TRP A 48 17.38 2.86 9.51
CA TRP A 48 16.46 3.08 10.64
C TRP A 48 15.84 4.47 10.51
N GLY A 49 14.79 4.60 9.71
CA GLY A 49 14.09 5.87 9.44
C GLY A 49 13.91 6.11 7.95
N GLY A 50 14.84 5.63 7.12
CA GLY A 50 14.76 5.80 5.65
C GLY A 50 14.31 7.20 5.23
N VAL A 51 13.19 7.29 4.51
CA VAL A 51 12.69 8.57 3.90
C VAL A 51 11.97 9.41 4.98
N ARG A 52 11.66 8.83 6.14
CA ARG A 52 10.95 9.50 7.24
C ARG A 52 11.93 10.28 8.12
N GLY A 53 13.24 9.99 8.00
CA GLY A 53 14.27 10.58 8.88
C GLY A 53 15.13 9.55 9.59
N ASP A 54 15.65 9.90 10.76
CA ASP A 54 16.75 9.19 11.46
C ASP A 54 16.27 8.78 12.87
N ILE A 55 15.89 7.53 13.05
CA ILE A 55 15.21 7.04 14.28
C ILE A 55 16.15 7.14 15.48
N GLU A 56 17.44 6.81 15.32
CA GLU A 56 18.48 7.02 16.36
C GLU A 56 18.46 8.48 16.81
N GLN A 57 18.44 9.44 15.88
CA GLN A 57 18.42 10.90 16.22
C GLN A 57 17.18 11.18 17.09
N TRP A 58 16.00 10.62 16.76
CA TRP A 58 14.71 10.90 17.48
C TRP A 58 14.78 10.39 18.91
N LEU A 59 15.26 9.18 19.12
CA LEU A 59 15.33 8.63 20.48
C LEU A 59 16.33 9.49 21.29
N ASN A 60 17.54 9.76 20.75
CA ASN A 60 18.62 10.51 21.47
C ASN A 60 18.12 11.89 21.93
N GLU A 61 17.46 12.64 21.04
CA GLU A 61 17.08 14.05 21.30
C GLU A 61 15.91 14.06 22.29
N ASN A 62 15.24 12.92 22.46
CA ASN A 62 14.16 12.70 23.45
C ASN A 62 14.71 11.96 24.68
N GLY A 63 16.04 11.95 24.90
CA GLY A 63 16.71 11.47 26.12
C GLY A 63 16.85 9.95 26.22
N TYR A 64 16.66 9.22 25.12
CA TYR A 64 16.82 7.73 25.06
C TYR A 64 18.13 7.44 24.33
N ARG A 65 19.25 7.38 25.04
CA ARG A 65 20.53 7.22 24.32
C ARG A 65 20.40 5.95 23.45
N THR A 66 20.78 6.06 22.18
CA THR A 66 20.56 5.00 21.18
C THR A 66 21.82 4.90 20.32
N TYR A 67 22.18 3.68 19.91
CA TYR A 67 23.33 3.36 19.03
C TYR A 67 22.80 2.46 17.92
N THR A 68 23.57 2.31 16.84
CA THR A 68 23.23 1.49 15.66
C THR A 68 24.37 0.51 15.41
N LEU A 69 24.02 -0.78 15.32
CA LEU A 69 24.96 -1.85 14.91
C LEU A 69 24.90 -2.02 13.40
N ALA A 70 26.01 -2.39 12.78
CA ALA A 70 26.10 -2.73 11.34
C ALA A 70 26.94 -4.00 11.23
N VAL A 71 26.27 -5.11 10.92
CA VAL A 71 26.84 -6.46 10.75
C VAL A 71 26.53 -6.88 9.33
N GLY A 72 27.03 -8.05 8.92
CA GLY A 72 26.87 -8.56 7.55
C GLY A 72 25.41 -8.88 7.29
N PRO A 73 24.74 -8.20 6.33
CA PRO A 73 23.31 -8.43 6.08
C PRO A 73 23.01 -9.83 5.53
N LEU A 74 23.92 -10.40 4.73
CA LEU A 74 23.70 -11.74 4.11
C LEU A 74 24.37 -12.85 4.94
N SER A 75 25.11 -12.51 5.99
CA SER A 75 25.83 -13.51 6.81
C SER A 75 24.82 -14.27 7.68
N SER A 76 25.24 -15.44 8.17
CA SER A 76 24.52 -16.29 9.17
C SER A 76 24.32 -15.48 10.44
N ASN A 77 23.27 -15.81 11.19
CA ASN A 77 23.00 -15.17 12.50
C ASN A 77 24.23 -15.42 13.39
N TRP A 78 24.86 -16.59 13.25
CA TRP A 78 26.05 -16.95 14.07
C TRP A 78 27.14 -15.94 13.83
N ASP A 79 27.40 -15.60 12.57
CA ASP A 79 28.49 -14.68 12.17
C ASP A 79 28.16 -13.32 12.77
N ARG A 80 26.90 -12.93 12.63
CA ARG A 80 26.39 -11.59 12.99
C ARG A 80 26.33 -11.44 14.51
N ALA A 81 26.16 -12.52 15.28
CA ALA A 81 26.26 -12.47 16.75
C ALA A 81 27.69 -12.12 17.14
N CYS A 82 28.68 -12.78 16.51
CA CYS A 82 30.12 -12.60 16.81
C CYS A 82 30.53 -11.19 16.39
N GLU A 83 30.05 -10.74 15.25
CA GLU A 83 30.17 -9.35 14.74
C GLU A 83 29.50 -8.35 15.70
N ALA A 84 28.27 -8.59 16.16
CA ALA A 84 27.58 -7.74 17.16
C ALA A 84 28.40 -7.65 18.46
N TYR A 85 28.80 -8.79 19.01
CA TYR A 85 29.61 -8.88 20.25
C TYR A 85 30.80 -7.92 20.18
N ALA A 86 31.68 -8.07 19.20
CA ALA A 86 32.95 -7.31 19.09
C ALA A 86 32.62 -5.83 18.91
N GLN A 87 31.57 -5.57 18.14
CA GLN A 87 31.12 -4.19 17.80
C GLN A 87 30.70 -3.48 19.08
N LEU A 88 30.10 -4.21 20.02
CA LEU A 88 29.58 -3.68 21.31
C LEU A 88 30.72 -3.54 22.34
N VAL A 89 31.39 -4.62 22.69
CA VAL A 89 32.37 -4.65 23.83
C VAL A 89 33.72 -4.12 23.33
N GLY A 90 33.92 -4.12 22.02
CA GLY A 90 35.21 -3.79 21.39
C GLY A 90 36.03 -5.05 21.17
N GLY A 91 36.68 -5.17 20.01
CA GLY A 91 37.62 -6.27 19.75
C GLY A 91 37.59 -6.76 18.30
N THR A 92 38.42 -7.74 18.00
CA THR A 92 38.40 -8.39 16.67
C THR A 92 37.26 -9.39 16.72
N VAL A 93 36.39 -9.35 15.71
CA VAL A 93 35.30 -10.36 15.53
C VAL A 93 35.98 -11.72 15.54
N ASP A 94 35.49 -12.62 16.39
CA ASP A 94 36.00 -14.00 16.57
C ASP A 94 34.85 -14.99 16.35
N TYR A 95 34.78 -15.60 15.17
CA TYR A 95 33.68 -16.51 14.74
C TYR A 95 33.83 -17.90 15.40
N GLY A 96 34.95 -18.16 16.11
CA GLY A 96 35.23 -19.48 16.70
C GLY A 96 36.07 -20.32 15.77
N ALA A 97 37.18 -20.86 16.28
CA ALA A 97 38.12 -21.73 15.53
C ALA A 97 37.35 -22.90 14.90
N ALA A 98 36.48 -23.56 15.67
CA ALA A 98 35.68 -24.74 15.27
C ALA A 98 34.77 -24.40 14.09
N HIS A 99 33.90 -23.41 14.28
CA HIS A 99 32.87 -22.94 13.31
C HIS A 99 33.55 -22.58 11.99
N ALA A 100 34.67 -21.88 12.07
CA ALA A 100 35.49 -21.42 10.93
C ALA A 100 35.97 -22.62 10.13
N ALA A 101 36.59 -23.60 10.79
CA ALA A 101 37.04 -24.86 10.19
C ALA A 101 35.87 -25.62 9.57
N LYS A 102 34.73 -25.59 10.24
CA LYS A 102 33.62 -26.49 9.86
C LYS A 102 33.05 -25.97 8.54
N HIS A 103 32.99 -24.63 8.39
CA HIS A 103 32.28 -23.92 7.29
C HIS A 103 33.23 -23.36 6.25
N GLY A 104 34.51 -23.27 6.56
CA GLY A 104 35.54 -22.84 5.58
C GLY A 104 35.59 -21.33 5.39
N HIS A 105 35.62 -20.54 6.48
CA HIS A 105 35.92 -19.09 6.43
C HIS A 105 36.90 -18.70 7.52
N ALA A 106 37.39 -17.46 7.47
CA ALA A 106 38.35 -16.92 8.44
C ALA A 106 37.77 -17.06 9.87
N ARG A 107 38.64 -17.34 10.83
CA ARG A 107 38.24 -17.32 12.25
C ARG A 107 37.98 -15.87 12.62
N PHE A 108 38.79 -14.96 12.08
CA PHE A 108 38.84 -13.53 12.49
C PHE A 108 38.30 -12.61 11.38
N GLY A 109 37.47 -11.64 11.77
CA GLY A 109 36.93 -10.57 10.91
C GLY A 109 37.53 -9.23 11.27
N ARG A 110 36.81 -8.14 10.96
CA ARG A 110 37.16 -6.73 11.27
C ARG A 110 37.44 -6.60 12.77
N THR A 111 38.22 -5.58 13.15
CA THR A 111 38.40 -5.07 14.53
C THR A 111 37.49 -3.86 14.72
N TYR A 112 36.90 -3.72 15.90
CA TYR A 112 36.06 -2.55 16.27
C TYR A 112 36.65 -1.92 17.52
N PRO A 113 36.48 -0.59 17.70
CA PRO A 113 36.89 0.09 18.93
C PRO A 113 35.98 -0.24 20.12
N GLY A 114 34.71 -0.54 19.84
CA GLY A 114 33.71 -0.89 20.85
C GLY A 114 32.83 0.32 21.15
N LEU A 115 31.51 0.17 20.95
CA LEU A 115 30.49 1.21 21.23
C LEU A 115 30.32 1.35 22.75
N LEU A 116 30.36 0.22 23.47
CA LEU A 116 29.94 0.13 24.90
C LEU A 116 30.87 -0.82 25.67
N PRO A 117 32.15 -0.45 25.90
CA PRO A 117 33.06 -1.32 26.66
C PRO A 117 32.57 -1.59 28.08
N GLU A 118 31.74 -0.70 28.64
CA GLU A 118 31.20 -0.85 30.01
C GLU A 118 30.25 -2.07 30.08
N LEU A 119 29.94 -2.71 28.96
CA LEU A 119 29.18 -3.97 29.04
C LEU A 119 30.06 -4.98 29.81
N LYS A 120 31.39 -4.85 29.72
CA LYS A 120 32.37 -5.79 30.32
C LYS A 120 32.37 -5.61 31.86
N ARG A 121 31.77 -4.53 32.36
CA ARG A 121 31.87 -4.05 33.76
C ARG A 121 30.48 -3.83 34.37
N GLY A 122 29.40 -4.13 33.65
CA GLY A 122 28.06 -4.29 34.28
C GLY A 122 26.96 -3.56 33.55
N GLY A 123 27.31 -2.58 32.72
CA GLY A 123 26.41 -1.96 31.74
C GLY A 123 25.64 -3.03 30.96
N ARG A 124 24.40 -2.69 30.58
CA ARG A 124 23.52 -3.55 29.73
C ARG A 124 22.88 -2.68 28.66
N ILE A 125 22.19 -3.36 27.72
CA ILE A 125 21.58 -2.75 26.52
C ILE A 125 20.17 -3.33 26.36
N HIS A 126 19.30 -2.60 25.67
CA HIS A 126 18.08 -3.11 25.01
C HIS A 126 18.35 -3.17 23.52
N ILE A 127 18.11 -4.32 22.89
CA ILE A 127 18.25 -4.48 21.41
C ILE A 127 16.85 -4.37 20.81
N ILE A 128 16.68 -3.46 19.86
CA ILE A 128 15.50 -3.36 18.99
C ILE A 128 15.96 -3.83 17.62
N ALA A 129 15.40 -4.93 17.11
CA ALA A 129 15.87 -5.61 15.89
C ALA A 129 14.70 -5.69 14.89
N HIS A 130 15.00 -5.55 13.62
CA HIS A 130 14.06 -5.68 12.50
C HIS A 130 14.44 -6.92 11.68
N SER A 131 13.43 -7.67 11.20
CA SER A 131 13.60 -8.75 10.18
C SER A 131 14.45 -9.86 10.79
N GLN A 132 15.30 -10.51 9.99
CA GLN A 132 16.35 -11.46 10.46
C GLN A 132 17.13 -10.94 11.68
N GLY A 133 17.23 -9.61 11.90
CA GLY A 133 17.85 -9.03 13.11
C GLY A 133 17.34 -9.64 14.39
N GLY A 134 16.04 -9.92 14.49
CA GLY A 134 15.43 -10.54 15.69
C GLY A 134 16.00 -11.94 15.98
N GLN A 135 16.40 -12.69 14.94
CA GLN A 135 17.12 -13.99 15.12
C GLN A 135 18.53 -13.70 15.65
N ASN A 136 19.20 -12.70 15.08
CA ASN A 136 20.59 -12.27 15.37
C ASN A 136 20.67 -11.84 16.83
N ALA A 137 19.64 -11.12 17.30
CA ALA A 137 19.53 -10.61 18.69
C ALA A 137 19.36 -11.77 19.72
N ARG A 138 18.43 -12.70 19.45
CA ARG A 138 18.12 -13.88 20.29
C ARG A 138 19.39 -14.72 20.47
N MET A 139 20.07 -15.00 19.38
CA MET A 139 21.27 -15.86 19.30
C MET A 139 22.44 -15.25 20.09
N LEU A 140 22.68 -13.94 19.97
CA LEU A 140 23.69 -13.20 20.80
C LEU A 140 23.42 -13.44 22.29
N VAL A 141 22.16 -13.44 22.71
CA VAL A 141 21.77 -13.65 24.13
C VAL A 141 22.16 -15.09 24.50
N SER A 142 21.76 -16.04 23.68
CA SER A 142 21.97 -17.49 23.92
C SER A 142 23.47 -17.80 24.00
N LEU A 143 24.30 -17.08 23.25
CA LEU A 143 25.77 -17.30 23.23
C LEU A 143 26.34 -16.61 24.47
N LEU A 144 25.93 -15.39 24.75
CA LEU A 144 26.34 -14.68 25.98
C LEU A 144 26.09 -15.55 27.21
N GLU A 145 24.90 -16.14 27.32
CA GLU A 145 24.48 -16.95 28.51
C GLU A 145 25.22 -18.30 28.50
N ASN A 146 25.13 -19.10 27.44
CA ASN A 146 25.60 -20.52 27.42
C ASN A 146 26.97 -20.66 26.72
N GLY A 147 27.32 -19.72 25.84
CA GLY A 147 28.45 -19.91 24.91
C GLY A 147 28.22 -21.12 24.02
N SER A 148 29.30 -21.83 23.70
CA SER A 148 29.33 -22.95 22.73
C SER A 148 30.23 -24.07 23.27
N GLN A 149 29.64 -25.16 23.76
CA GLN A 149 30.36 -26.38 24.18
C GLN A 149 31.40 -26.69 23.10
N GLU A 150 30.98 -26.70 21.85
CA GLU A 150 31.81 -27.20 20.73
C GLU A 150 33.09 -26.32 20.63
N GLU A 151 32.95 -25.01 20.78
CA GLU A 151 34.10 -24.06 20.71
C GLU A 151 35.03 -24.29 21.90
N ARG A 152 34.46 -24.47 23.09
CA ARG A 152 35.25 -24.71 24.32
C ARG A 152 36.02 -26.01 24.14
N GLU A 153 35.35 -27.03 23.61
CA GLU A 153 35.95 -28.34 23.30
C GLU A 153 37.13 -28.16 22.34
N TYR A 154 36.90 -27.47 21.22
CA TYR A 154 37.87 -27.27 20.11
C TYR A 154 39.10 -26.47 20.60
N ALA A 155 38.87 -25.42 21.40
CA ALA A 155 39.95 -24.55 21.93
C ALA A 155 40.88 -25.37 22.83
N LYS A 156 40.34 -26.35 23.56
CA LYS A 156 41.13 -27.27 24.42
C LYS A 156 41.91 -28.27 23.56
N ALA A 157 41.27 -28.94 22.59
CA ALA A 157 41.89 -29.97 21.71
C ALA A 157 43.08 -29.39 20.92
N HIS A 158 42.93 -28.23 20.26
CA HIS A 158 43.90 -27.67 19.30
C HIS A 158 44.63 -26.45 19.90
N ASN A 159 44.62 -26.30 21.22
CA ASN A 159 45.56 -25.43 21.98
C ASN A 159 45.55 -24.02 21.37
N VAL A 160 44.35 -23.45 21.28
CA VAL A 160 44.04 -22.19 20.54
C VAL A 160 43.17 -21.32 21.45
N SER A 161 43.18 -20.01 21.25
CA SER A 161 42.46 -19.07 22.16
C SER A 161 40.94 -19.19 21.97
N LEU A 162 40.19 -18.91 23.02
CA LEU A 162 38.71 -18.92 23.04
C LEU A 162 38.18 -17.49 23.25
N SER A 163 37.30 -17.03 22.37
CA SER A 163 36.50 -15.80 22.63
C SER A 163 35.79 -15.94 23.98
N PRO A 164 35.81 -14.91 24.85
CA PRO A 164 34.90 -14.87 26.00
C PRO A 164 33.43 -15.10 25.59
N LEU A 165 33.03 -14.81 24.36
CA LEU A 165 31.64 -15.10 23.92
C LEU A 165 31.32 -16.59 24.05
N PHE A 166 32.26 -17.51 23.81
CA PHE A 166 31.95 -18.98 23.73
C PHE A 166 32.02 -19.62 25.12
N GLU A 167 32.41 -18.85 26.14
CA GLU A 167 32.67 -19.35 27.51
C GLU A 167 31.34 -19.61 28.25
N GLY A 168 30.33 -18.77 27.99
CA GLY A 168 29.10 -18.67 28.80
C GLY A 168 29.29 -17.70 29.97
N GLY A 169 28.23 -17.48 30.74
CA GLY A 169 28.29 -16.75 32.01
C GLY A 169 28.43 -15.26 31.80
N HIS A 170 28.38 -14.80 30.55
CA HIS A 170 28.24 -13.37 30.21
C HIS A 170 26.75 -13.00 30.21
N HIS A 171 26.44 -11.75 30.45
CA HIS A 171 25.06 -11.24 30.32
C HIS A 171 25.10 -9.73 30.37
N PHE A 172 24.55 -9.10 29.32
CA PHE A 172 24.42 -7.64 29.11
C PHE A 172 23.19 -7.24 28.26
N VAL A 173 22.28 -8.15 27.94
CA VAL A 173 21.06 -7.78 27.18
C VAL A 173 19.85 -7.84 28.13
N LEU A 174 19.34 -6.67 28.53
CA LEU A 174 18.18 -6.58 29.43
C LEU A 174 16.91 -6.94 28.65
N SER A 175 16.82 -6.56 27.37
CA SER A 175 15.62 -6.80 26.54
C SER A 175 16.00 -6.92 25.06
N VAL A 176 15.31 -7.83 24.38
CA VAL A 176 15.27 -7.93 22.89
C VAL A 176 13.87 -7.50 22.46
N THR A 177 13.74 -6.60 21.48
CA THR A 177 12.46 -6.30 20.78
C THR A 177 12.63 -6.68 19.31
N THR A 178 11.77 -7.58 18.80
CA THR A 178 11.77 -7.99 17.37
C THR A 178 10.61 -7.28 16.67
N ILE A 179 10.86 -6.84 15.45
CA ILE A 179 9.87 -6.13 14.60
C ILE A 179 9.90 -6.82 13.24
N ALA A 180 8.85 -7.61 12.98
CA ALA A 180 8.56 -8.25 11.68
C ALA A 180 9.67 -9.24 11.39
N THR A 181 9.97 -10.11 12.36
CA THR A 181 11.14 -11.02 12.42
C THR A 181 10.69 -12.40 12.00
N PRO A 182 11.39 -13.07 11.06
CA PRO A 182 10.95 -14.40 10.63
C PRO A 182 11.34 -15.50 11.65
N HIS A 183 10.74 -15.47 12.85
CA HIS A 183 11.15 -16.39 13.94
C HIS A 183 10.97 -17.83 13.51
N ASP A 184 9.95 -18.11 12.69
CA ASP A 184 9.64 -19.47 12.15
C ASP A 184 9.99 -19.50 10.64
N GLY A 185 10.75 -18.49 10.22
CA GLY A 185 11.24 -18.30 8.84
C GLY A 185 10.24 -17.51 8.03
N THR A 186 10.47 -17.43 6.71
CA THR A 186 9.57 -16.86 5.66
C THR A 186 9.40 -17.89 4.54
N THR A 187 8.19 -18.06 4.02
CA THR A 187 7.92 -19.03 2.91
C THR A 187 8.41 -18.42 1.60
N LEU A 188 8.76 -17.13 1.60
CA LEU A 188 9.31 -16.40 0.43
C LEU A 188 10.57 -17.09 -0.07
N VAL A 189 11.28 -17.82 0.80
CA VAL A 189 12.60 -18.44 0.47
C VAL A 189 12.33 -19.63 -0.46
N ASN A 190 11.12 -20.21 -0.39
CA ASN A 190 10.72 -21.41 -1.17
C ASN A 190 10.30 -21.07 -2.61
N MET A 191 10.30 -19.79 -2.97
CA MET A 191 9.97 -19.26 -4.33
C MET A 191 11.02 -19.74 -5.35
N VAL A 192 10.61 -20.08 -6.58
CA VAL A 192 11.50 -20.77 -7.57
C VAL A 192 12.73 -19.90 -7.85
N ASP A 193 12.53 -18.59 -7.97
CA ASP A 193 13.53 -17.63 -8.49
C ASP A 193 13.94 -16.72 -7.34
N PHE A 194 13.92 -17.26 -6.10
CA PHE A 194 14.12 -16.47 -4.87
C PHE A 194 15.49 -15.76 -4.96
N THR A 195 16.51 -16.50 -5.38
CA THR A 195 17.87 -15.98 -5.63
C THR A 195 17.76 -14.66 -6.39
N ASP A 196 17.24 -14.72 -7.61
CA ASP A 196 17.16 -13.55 -8.51
C ASP A 196 16.26 -12.51 -7.83
N ARG A 197 15.10 -12.92 -7.30
CA ARG A 197 14.10 -11.98 -6.72
C ARG A 197 14.65 -11.33 -5.43
N PHE A 198 15.46 -12.01 -4.63
CA PHE A 198 16.00 -11.48 -3.36
C PHE A 198 17.05 -10.39 -3.62
N PHE A 199 17.97 -10.58 -4.57
CA PHE A 199 18.98 -9.55 -4.93
C PHE A 199 18.31 -8.40 -5.72
N ASP A 200 17.14 -8.63 -6.33
CA ASP A 200 16.29 -7.53 -6.88
C ASP A 200 15.66 -6.73 -5.73
N LEU A 201 15.31 -7.39 -4.62
CA LEU A 201 14.91 -6.68 -3.38
C LEU A 201 16.09 -5.81 -2.90
N GLN A 202 17.32 -6.34 -2.94
CA GLN A 202 18.52 -5.60 -2.46
C GLN A 202 18.69 -4.33 -3.33
N LYS A 203 18.39 -4.44 -4.62
CA LYS A 203 18.48 -3.35 -5.61
C LYS A 203 17.39 -2.31 -5.36
N ALA A 204 16.19 -2.74 -4.95
CA ALA A 204 15.04 -1.84 -4.71
C ALA A 204 15.35 -0.99 -3.49
N VAL A 205 15.91 -1.62 -2.48
CA VAL A 205 16.34 -0.96 -1.23
C VAL A 205 17.38 0.09 -1.63
N LEU A 206 18.36 -0.30 -2.45
CA LEU A 206 19.37 0.64 -2.99
C LEU A 206 18.66 1.83 -3.68
N GLU A 207 17.64 1.55 -4.49
CA GLU A 207 16.95 2.59 -5.28
C GLU A 207 16.20 3.52 -4.32
N ALA A 208 15.60 2.99 -3.25
CA ALA A 208 14.90 3.80 -2.23
C ALA A 208 15.93 4.67 -1.51
N ALA A 209 17.17 4.18 -1.43
CA ALA A 209 18.35 4.92 -0.91
C ALA A 209 18.86 5.95 -1.95
N ALA A 210 18.28 5.99 -3.15
CA ALA A 210 18.75 6.87 -4.24
C ALA A 210 20.19 6.50 -4.60
N VAL A 211 20.43 5.21 -4.82
CA VAL A 211 21.73 4.58 -5.18
C VAL A 211 21.45 3.62 -6.33
N ALA A 212 22.27 3.69 -7.38
CA ALA A 212 22.08 2.88 -8.61
C ALA A 212 22.82 1.54 -8.47
N SER A 213 22.35 0.53 -9.19
CA SER A 213 22.84 -0.86 -9.13
C SER A 213 23.73 -1.15 -10.35
N ASN A 214 23.89 -0.16 -11.24
CA ASN A 214 24.63 -0.32 -12.52
C ASN A 214 25.85 0.63 -12.60
N VAL A 215 26.32 1.19 -11.47
CA VAL A 215 27.45 2.17 -11.44
C VAL A 215 28.58 1.66 -10.56
N PRO A 216 29.81 1.45 -11.08
CA PRO A 216 30.90 0.86 -10.30
C PRO A 216 31.60 1.85 -9.36
N TYR A 217 30.87 2.32 -8.36
CA TYR A 217 31.31 3.36 -7.40
C TYR A 217 32.70 2.97 -6.88
N THR A 218 33.63 3.94 -6.82
CA THR A 218 34.98 3.78 -6.21
C THR A 218 34.85 3.42 -4.74
N SER A 219 34.02 4.17 -4.00
CA SER A 219 33.84 3.97 -2.55
C SER A 219 32.75 2.92 -2.35
N GLN A 220 32.63 2.39 -1.15
CA GLN A 220 31.99 1.07 -0.90
C GLN A 220 30.46 1.25 -0.91
N VAL A 221 29.96 2.37 -0.35
CA VAL A 221 28.52 2.80 -0.38
C VAL A 221 27.67 1.88 0.50
N TYR A 222 27.67 0.58 0.16
CA TYR A 222 27.03 -0.52 0.93
C TYR A 222 28.07 -1.64 1.05
N ASP A 223 28.65 -1.79 2.24
CA ASP A 223 29.66 -2.81 2.59
C ASP A 223 28.96 -4.06 3.12
N PHE A 224 29.17 -5.24 2.51
CA PHE A 224 28.48 -6.49 2.95
C PHE A 224 29.27 -7.18 4.07
N LYS A 225 30.46 -6.70 4.36
CA LYS A 225 31.29 -7.13 5.52
C LYS A 225 31.56 -8.63 5.43
N LEU A 226 31.96 -9.06 4.24
CA LEU A 226 32.18 -10.49 3.90
C LEU A 226 33.68 -10.78 3.99
N ASP A 227 34.34 -10.09 4.92
CA ASP A 227 35.77 -10.22 5.27
C ASP A 227 36.08 -11.69 5.52
N GLN A 228 35.15 -12.41 6.14
CA GLN A 228 35.39 -13.80 6.60
C GLN A 228 35.50 -14.72 5.38
N TRP A 229 34.73 -14.41 4.31
CA TRP A 229 34.66 -15.16 3.04
C TRP A 229 35.66 -14.60 2.03
N GLY A 230 36.40 -13.53 2.36
CA GLY A 230 37.36 -12.88 1.46
C GLY A 230 36.67 -12.27 0.24
N LEU A 231 35.43 -11.81 0.42
CA LEU A 231 34.59 -11.16 -0.64
C LEU A 231 34.48 -9.66 -0.40
N ARG A 232 34.37 -8.89 -1.48
CA ARG A 232 34.42 -7.40 -1.49
C ARG A 232 34.02 -6.96 -2.91
N ARG A 233 33.18 -5.94 -3.06
CA ARG A 233 32.99 -5.32 -4.39
C ARG A 233 34.31 -4.71 -4.84
N GLN A 234 34.69 -4.99 -6.08
CA GLN A 234 36.02 -4.72 -6.70
C GLN A 234 35.98 -3.38 -7.45
N PRO A 235 37.11 -2.63 -7.51
CA PRO A 235 37.31 -1.58 -8.51
C PRO A 235 36.66 -1.99 -9.84
N GLY A 236 35.79 -1.13 -10.37
CA GLY A 236 35.13 -1.34 -11.67
C GLY A 236 33.98 -2.31 -11.59
N GLU A 237 33.49 -2.62 -10.39
CA GLU A 237 32.37 -3.58 -10.22
C GLU A 237 31.09 -2.87 -9.77
N SER A 238 30.02 -3.03 -10.52
CA SER A 238 28.65 -2.54 -10.23
C SER A 238 28.01 -3.43 -9.14
N PHE A 239 26.99 -2.96 -8.46
CA PHE A 239 26.16 -3.79 -7.57
C PHE A 239 25.50 -4.90 -8.42
N ASP A 240 24.93 -4.58 -9.59
CA ASP A 240 24.33 -5.60 -10.50
C ASP A 240 25.31 -6.81 -10.60
N HIS A 241 26.53 -6.52 -11.05
CA HIS A 241 27.60 -7.51 -11.35
C HIS A 241 28.06 -8.21 -10.05
N TYR A 242 28.13 -7.46 -8.95
CA TYR A 242 28.52 -7.94 -7.59
C TYR A 242 27.47 -8.94 -7.07
N PHE A 243 26.19 -8.60 -7.11
CA PHE A 243 25.09 -9.47 -6.62
C PHE A 243 25.09 -10.78 -7.38
N ASP A 244 25.22 -10.73 -8.71
CA ASP A 244 25.32 -11.95 -9.57
C ASP A 244 26.47 -12.81 -9.04
N ARG A 245 27.60 -12.18 -8.68
CA ARG A 245 28.80 -12.91 -8.17
C ARG A 245 28.49 -13.51 -6.78
N LEU A 246 27.85 -12.76 -5.89
CA LEU A 246 27.45 -13.24 -4.55
C LEU A 246 26.47 -14.42 -4.68
N LYS A 247 25.60 -14.42 -5.71
CA LYS A 247 24.62 -15.52 -6.00
C LYS A 247 25.34 -16.87 -6.06
N ARG A 248 26.54 -16.90 -6.64
CA ARG A 248 27.37 -18.12 -6.84
C ARG A 248 28.34 -18.33 -5.67
N SER A 249 28.41 -17.41 -4.71
CA SER A 249 29.41 -17.43 -3.62
C SER A 249 28.89 -18.19 -2.40
N PRO A 250 29.81 -18.60 -1.49
CA PRO A 250 29.44 -19.37 -0.30
C PRO A 250 28.45 -18.65 0.63
N VAL A 251 28.31 -17.32 0.53
CA VAL A 251 27.41 -16.56 1.46
C VAL A 251 26.01 -16.62 0.88
N TRP A 252 25.82 -17.36 -0.21
CA TRP A 252 24.49 -17.66 -0.76
C TRP A 252 24.29 -19.16 -0.97
N THR A 253 25.35 -19.97 -1.07
CA THR A 253 25.26 -21.41 -1.43
C THR A 253 25.47 -22.32 -0.20
N SER A 254 25.87 -21.80 0.96
CA SER A 254 26.19 -22.61 2.17
C SER A 254 25.06 -22.56 3.20
N THR A 255 25.15 -23.42 4.21
CA THR A 255 24.27 -23.44 5.41
C THR A 255 24.62 -22.29 6.36
N ASP A 256 25.78 -21.66 6.23
CA ASP A 256 26.27 -20.61 7.15
C ASP A 256 25.93 -19.25 6.56
N THR A 257 24.64 -18.94 6.45
CA THR A 257 24.11 -17.81 5.62
C THR A 257 22.78 -17.30 6.17
N ALA A 258 22.48 -16.02 5.94
CA ALA A 258 21.14 -15.45 6.13
C ALA A 258 20.14 -16.27 5.33
N ARG A 259 20.42 -16.61 4.07
CA ARG A 259 19.46 -17.40 3.23
C ARG A 259 18.93 -18.60 4.03
N TYR A 260 19.85 -19.41 4.57
CA TYR A 260 19.52 -20.71 5.21
C TYR A 260 18.64 -20.43 6.43
N ASP A 261 19.13 -19.50 7.27
CA ASP A 261 18.57 -19.20 8.62
C ASP A 261 17.17 -18.63 8.40
N LEU A 262 16.93 -18.09 7.21
CA LEU A 262 15.71 -17.31 6.88
C LEU A 262 14.62 -18.29 6.40
N SER A 263 15.01 -19.44 5.87
CA SER A 263 14.09 -20.52 5.41
C SER A 263 13.40 -21.15 6.63
N VAL A 264 12.20 -21.65 6.40
CA VAL A 264 11.36 -22.31 7.45
C VAL A 264 12.17 -23.41 8.14
N SER A 265 12.99 -24.17 7.39
CA SER A 265 13.91 -25.22 7.90
C SER A 265 15.10 -24.58 8.63
N GLY A 266 15.51 -23.39 8.23
CA GLY A 266 16.61 -22.67 8.92
C GLY A 266 16.17 -22.26 10.31
N ALA A 267 14.98 -21.69 10.42
CA ALA A 267 14.49 -21.12 11.68
C ALA A 267 14.25 -22.29 12.63
N LEU A 268 13.65 -23.38 12.12
CA LEU A 268 13.38 -24.60 12.93
C LEU A 268 14.67 -25.00 13.66
N LYS A 269 15.77 -25.16 12.92
CA LYS A 269 17.08 -25.66 13.42
C LYS A 269 17.72 -24.65 14.40
N LEU A 270 17.51 -23.35 14.17
CA LEU A 270 17.91 -22.24 15.09
C LEU A 270 17.07 -22.25 16.36
N ASN A 271 15.75 -22.38 16.24
CA ASN A 271 14.81 -22.40 17.39
C ASN A 271 15.18 -23.54 18.36
N GLN A 272 15.65 -24.68 17.81
CA GLN A 272 16.01 -25.94 18.53
C GLN A 272 17.16 -25.67 19.51
N TRP A 273 18.03 -24.68 19.29
CA TRP A 273 19.18 -24.40 20.19
C TRP A 273 19.20 -22.97 20.74
N VAL A 274 18.45 -22.02 20.18
CA VAL A 274 18.44 -20.58 20.61
C VAL A 274 17.19 -20.33 21.43
N GLN A 275 17.27 -20.39 22.76
CA GLN A 275 16.06 -20.31 23.64
C GLN A 275 16.02 -18.97 24.35
N ALA A 276 14.92 -18.66 25.02
CA ALA A 276 14.75 -17.39 25.75
C ALA A 276 15.62 -17.48 26.99
N SER A 277 16.42 -16.46 27.28
CA SER A 277 17.12 -16.33 28.59
C SER A 277 16.12 -15.84 29.60
N PRO A 278 16.07 -16.45 30.80
CA PRO A 278 15.21 -15.91 31.88
C PRO A 278 15.61 -14.52 32.37
N ASN A 279 16.79 -14.00 31.99
CA ASN A 279 17.34 -12.72 32.50
C ASN A 279 17.00 -11.58 31.52
N THR A 280 16.20 -11.82 30.48
CA THR A 280 16.02 -10.91 29.32
C THR A 280 14.52 -10.72 29.01
N TYR A 281 14.03 -9.49 28.79
CA TYR A 281 12.65 -9.26 28.28
C TYR A 281 12.67 -9.42 26.77
N TYR A 282 11.69 -10.14 26.23
CA TYR A 282 11.45 -10.26 24.77
C TYR A 282 10.10 -9.63 24.49
N LEU A 283 10.10 -8.66 23.56
CA LEU A 283 8.90 -8.02 22.96
C LEU A 283 8.91 -8.36 21.47
N SER A 284 7.81 -8.92 20.97
CA SER A 284 7.61 -9.11 19.52
C SER A 284 6.59 -8.05 19.06
N PHE A 285 6.84 -7.43 17.90
CA PHE A 285 5.85 -6.65 17.12
C PHE A 285 5.64 -7.37 15.79
N SER A 286 4.40 -7.73 15.51
CA SER A 286 4.01 -8.39 14.26
C SER A 286 3.53 -7.31 13.29
N THR A 287 3.66 -7.57 11.99
CA THR A 287 3.26 -6.68 10.87
C THR A 287 2.39 -7.47 9.88
N GLU A 288 1.44 -6.81 9.23
CA GLU A 288 0.59 -7.38 8.16
C GLU A 288 0.19 -6.25 7.23
N ARG A 289 0.14 -6.53 5.94
CA ARG A 289 -0.21 -5.51 4.93
C ARG A 289 -0.99 -6.19 3.81
N THR A 290 -1.93 -7.07 4.17
CA THR A 290 -2.68 -7.93 3.20
C THR A 290 -4.18 -7.95 3.51
N TYR A 291 -4.98 -8.26 2.49
CA TYR A 291 -6.44 -8.50 2.56
C TYR A 291 -6.76 -9.94 2.11
N ARG A 292 -7.68 -10.61 2.81
CA ARG A 292 -8.24 -11.96 2.46
C ARG A 292 -9.08 -11.83 1.18
N GLY A 293 -8.73 -12.57 0.12
CA GLY A 293 -9.51 -12.64 -1.13
C GLY A 293 -10.74 -13.51 -0.96
N ALA A 294 -11.75 -13.38 -1.82
CA ALA A 294 -13.05 -14.09 -1.71
C ALA A 294 -12.98 -15.49 -2.35
N LEU A 295 -12.18 -15.69 -3.40
CA LEU A 295 -12.13 -16.92 -4.27
C LEU A 295 -11.69 -18.17 -3.49
N THR A 296 -10.50 -18.18 -2.85
CA THR A 296 -9.94 -19.37 -2.13
C THR A 296 -9.28 -18.98 -0.81
N GLY A 297 -9.57 -17.80 -0.26
CA GLY A 297 -8.95 -17.29 0.99
C GLY A 297 -7.45 -16.98 0.85
N ASN A 298 -6.94 -16.74 -0.36
CA ASN A 298 -5.56 -16.24 -0.55
C ASN A 298 -5.46 -14.84 0.06
N HIS A 299 -4.23 -14.39 0.35
CA HIS A 299 -3.91 -13.00 0.80
C HIS A 299 -3.21 -12.20 -0.32
N TYR A 300 -3.58 -10.93 -0.43
CA TYR A 300 -3.14 -9.95 -1.48
C TYR A 300 -2.62 -8.66 -0.85
N PRO A 301 -1.66 -7.97 -1.51
CA PRO A 301 -1.11 -6.71 -1.01
C PRO A 301 -2.20 -5.63 -0.98
N GLU A 302 -2.34 -5.00 0.19
CA GLU A 302 -3.13 -3.76 0.39
C GLU A 302 -2.55 -2.65 -0.50
N LEU A 303 -3.31 -1.57 -0.63
CA LEU A 303 -2.85 -0.35 -1.33
C LEU A 303 -1.86 0.35 -0.40
N GLY A 304 -0.69 0.71 -0.94
CA GLY A 304 0.37 1.44 -0.25
C GLY A 304 1.56 0.55 0.05
N MET A 305 1.41 -0.78 -0.03
CA MET A 305 2.59 -1.68 0.12
C MET A 305 3.65 -1.21 -0.88
N ASN A 306 4.91 -1.11 -0.41
CA ASN A 306 6.11 -0.90 -1.25
C ASN A 306 5.96 -1.70 -2.57
N ALA A 307 6.21 -1.05 -3.69
CA ALA A 307 5.91 -1.56 -5.05
C ALA A 307 6.54 -2.96 -5.25
N PHE A 308 7.79 -3.14 -4.80
CA PHE A 308 8.56 -4.38 -5.04
C PHE A 308 7.84 -5.54 -4.36
N SER A 309 7.59 -5.45 -3.06
CA SER A 309 6.84 -6.47 -2.30
C SER A 309 5.48 -6.72 -2.98
N ALA A 310 4.73 -5.68 -3.32
CA ALA A 310 3.33 -5.82 -3.80
C ALA A 310 3.34 -6.64 -5.11
N VAL A 311 4.37 -6.47 -5.94
CA VAL A 311 4.44 -7.12 -7.28
C VAL A 311 5.13 -8.49 -7.16
N VAL A 312 6.24 -8.56 -6.43
CA VAL A 312 7.25 -9.63 -6.61
C VAL A 312 7.20 -10.65 -5.46
N CYS A 313 6.61 -10.32 -4.31
CA CYS A 313 6.77 -11.13 -3.07
C CYS A 313 5.44 -11.51 -2.43
N ALA A 314 4.52 -10.54 -2.25
CA ALA A 314 3.27 -10.71 -1.49
C ALA A 314 2.36 -11.72 -2.18
N PRO A 315 2.10 -11.63 -3.50
CA PRO A 315 1.21 -12.59 -4.17
C PRO A 315 1.65 -14.02 -3.86
N PHE A 316 2.95 -14.27 -3.96
CA PHE A 316 3.54 -15.57 -3.57
C PHE A 316 3.25 -15.88 -2.09
N LEU A 317 3.69 -15.02 -1.18
CA LEU A 317 3.59 -15.27 0.29
C LEU A 317 2.17 -15.65 0.66
N GLY A 318 1.17 -14.97 0.11
CA GLY A 318 -0.25 -15.12 0.52
C GLY A 318 -1.02 -16.11 -0.34
N SER A 319 -0.33 -16.99 -1.09
CA SER A 319 -0.95 -18.17 -1.76
C SER A 319 -0.11 -19.46 -1.60
N TYR A 320 1.18 -19.39 -1.26
CA TYR A 320 2.05 -20.56 -1.02
C TYR A 320 1.51 -21.41 0.15
N ARG A 321 1.25 -22.70 -0.11
CA ARG A 321 0.79 -23.70 0.91
C ARG A 321 1.71 -24.93 0.88
N GLU A 322 2.00 -25.49 2.06
CA GLU A 322 2.55 -26.87 2.25
C GLU A 322 1.87 -27.48 3.47
N PRO A 323 0.87 -28.36 3.28
CA PRO A 323 0.04 -28.82 4.39
C PRO A 323 0.79 -29.80 5.30
N THR A 324 1.81 -30.48 4.73
CA THR A 324 2.76 -31.44 5.36
C THR A 324 3.70 -30.72 6.34
N LEU A 325 4.08 -29.47 6.04
CA LEU A 325 5.05 -28.67 6.85
C LEU A 325 4.29 -27.74 7.79
N GLY A 326 2.97 -27.87 7.86
CA GLY A 326 2.09 -27.09 8.75
C GLY A 326 1.72 -25.76 8.13
N ILE A 327 2.31 -25.47 6.96
CA ILE A 327 2.15 -24.19 6.21
C ILE A 327 0.77 -24.19 5.54
N ASP A 328 -0.23 -23.73 6.29
CA ASP A 328 -1.66 -23.69 5.92
C ASP A 328 -2.08 -22.21 5.85
N ASP A 329 -3.34 -21.88 6.17
CA ASP A 329 -3.94 -20.54 5.97
C ASP A 329 -3.38 -19.54 6.99
N ARG A 330 -2.86 -20.00 8.12
CA ARG A 330 -2.36 -19.08 9.18
C ARG A 330 -1.10 -18.36 8.66
N TRP A 331 -0.50 -18.88 7.57
CA TRP A 331 0.80 -18.46 7.02
C TRP A 331 0.65 -17.46 5.87
N LEU A 332 -0.58 -17.18 5.43
CA LEU A 332 -0.84 -16.43 4.17
C LEU A 332 -0.78 -14.92 4.39
N GLU A 333 -1.21 -14.45 5.56
CA GLU A 333 -1.09 -13.02 5.93
C GLU A 333 0.39 -12.68 6.05
N ASN A 334 0.81 -11.57 5.48
CA ASN A 334 2.24 -11.24 5.30
C ASN A 334 2.44 -9.72 5.27
N ASP A 335 3.64 -9.25 5.62
CA ASP A 335 3.98 -7.79 5.67
C ASP A 335 4.73 -7.41 4.41
N GLY A 336 4.57 -8.20 3.35
CA GLY A 336 5.26 -8.04 2.06
C GLY A 336 6.41 -9.02 1.92
N ILE A 337 6.96 -9.47 3.04
CA ILE A 337 8.28 -10.15 3.04
C ILE A 337 8.22 -11.37 3.97
N VAL A 338 7.57 -11.25 5.12
CA VAL A 338 7.49 -12.31 6.17
C VAL A 338 6.02 -12.62 6.47
N ASN A 339 5.70 -13.93 6.51
CA ASN A 339 4.42 -14.51 6.99
C ASN A 339 4.20 -13.99 8.43
N THR A 340 3.15 -13.20 8.67
CA THR A 340 2.85 -12.54 9.98
C THR A 340 2.90 -13.54 11.15
N VAL A 341 2.39 -14.76 10.95
CA VAL A 341 2.32 -15.85 11.97
C VAL A 341 3.73 -16.12 12.53
N SER A 342 4.78 -16.00 11.73
CA SER A 342 6.19 -16.27 12.12
C SER A 342 6.76 -15.22 13.11
N MET A 343 6.02 -14.16 13.45
CA MET A 343 6.61 -12.91 13.98
C MET A 343 6.44 -12.74 15.50
N ASN A 344 5.42 -13.33 16.12
CA ASN A 344 5.08 -13.02 17.54
C ASN A 344 6.15 -13.64 18.44
N GLY A 345 6.90 -14.63 17.93
CA GLY A 345 8.03 -15.31 18.61
C GLY A 345 8.28 -16.70 18.01
N PRO A 346 9.39 -17.39 18.39
CA PRO A 346 9.67 -18.73 17.87
C PRO A 346 8.64 -19.77 18.36
N LYS A 347 8.25 -20.68 17.48
CA LYS A 347 7.29 -21.76 17.82
C LYS A 347 7.75 -23.09 17.22
N ARG A 348 7.93 -23.10 15.91
CA ARG A 348 8.39 -24.31 15.18
C ARG A 348 9.79 -24.59 15.73
N GLY A 349 9.86 -25.60 16.60
CA GLY A 349 11.09 -26.16 17.19
C GLY A 349 11.46 -25.49 18.49
N SER A 350 10.50 -24.81 19.14
CA SER A 350 10.72 -23.96 20.34
C SER A 350 9.83 -24.33 21.52
N SER A 351 10.41 -24.23 22.72
CA SER A 351 9.76 -24.39 24.05
C SER A 351 9.65 -22.99 24.71
N ASP A 352 10.06 -21.95 24.00
CA ASP A 352 9.84 -20.55 24.46
C ASP A 352 8.33 -20.34 24.59
N ARG A 353 7.93 -19.48 25.54
CA ARG A 353 6.52 -19.15 25.81
C ARG A 353 6.17 -17.81 25.16
N ILE A 354 4.92 -17.67 24.72
CA ILE A 354 4.42 -16.46 24.00
C ILE A 354 3.15 -15.99 24.66
N VAL A 355 3.20 -14.89 25.44
CA VAL A 355 2.04 -14.38 26.23
C VAL A 355 1.59 -13.05 25.62
N PRO A 356 0.34 -12.93 25.12
CA PRO A 356 -0.15 -11.67 24.58
C PRO A 356 -0.17 -10.60 25.69
N TYR A 357 0.31 -9.40 25.35
CA TYR A 357 0.67 -8.29 26.25
C TYR A 357 -0.56 -7.85 27.04
N ASP A 358 -0.44 -7.75 28.36
CA ASP A 358 -1.57 -7.55 29.31
C ASP A 358 -1.24 -6.35 30.20
N GLY A 359 -0.35 -5.46 29.76
CA GLY A 359 -0.02 -4.21 30.45
C GLY A 359 1.21 -4.36 31.33
N THR A 360 1.63 -5.60 31.59
CA THR A 360 2.85 -5.91 32.40
C THR A 360 3.84 -6.77 31.56
N LEU A 361 5.05 -6.26 31.32
CA LEU A 361 6.11 -6.96 30.55
C LEU A 361 6.81 -7.99 31.45
N LYS A 362 6.93 -9.24 30.98
CA LYS A 362 7.53 -10.37 31.72
C LYS A 362 8.93 -10.71 31.18
N LYS A 363 9.91 -10.88 32.07
CA LYS A 363 11.23 -11.49 31.76
C LYS A 363 10.99 -12.90 31.24
N GLY A 364 11.90 -13.42 30.42
CA GLY A 364 12.02 -14.85 30.11
C GLY A 364 11.04 -15.31 29.05
N VAL A 365 10.19 -14.43 28.54
CA VAL A 365 9.07 -14.79 27.61
C VAL A 365 8.90 -13.69 26.55
N TRP A 366 8.09 -14.00 25.55
CA TRP A 366 7.71 -13.09 24.45
C TRP A 366 6.46 -12.35 24.88
N ASN A 367 6.59 -11.04 25.00
CA ASN A 367 5.49 -10.06 25.16
C ASN A 367 5.04 -9.66 23.75
N ASP A 368 4.01 -10.36 23.24
CA ASP A 368 3.40 -10.12 21.91
C ASP A 368 2.67 -8.80 22.01
N MET A 369 3.24 -7.74 21.45
CA MET A 369 2.72 -6.35 21.58
C MET A 369 1.75 -6.06 20.42
N GLY A 370 1.35 -7.11 19.68
CA GLY A 370 0.29 -7.07 18.67
C GLY A 370 0.79 -6.88 17.24
N THR A 371 -0.15 -6.97 16.29
CA THR A 371 0.02 -6.83 14.82
C THR A 371 -0.26 -5.39 14.44
N TYR A 372 0.55 -4.80 13.54
CA TYR A 372 0.40 -3.41 13.04
C TYR A 372 0.18 -3.40 11.51
N ASN A 373 -0.76 -2.56 11.05
CA ASN A 373 -1.11 -2.43 9.61
C ASN A 373 0.03 -1.73 8.85
N VAL A 374 1.20 -2.36 8.75
CA VAL A 374 2.45 -1.66 8.34
C VAL A 374 3.31 -2.70 7.64
N ASP A 375 3.98 -2.33 6.54
CA ASP A 375 4.70 -3.32 5.69
C ASP A 375 6.17 -3.40 6.14
N HIS A 376 6.87 -4.37 5.58
CA HIS A 376 8.22 -4.78 6.04
C HIS A 376 9.18 -3.59 6.07
N LEU A 377 9.00 -2.66 5.13
CA LEU A 377 9.92 -1.55 4.83
C LEU A 377 9.36 -0.24 5.36
N GLU A 378 8.04 -0.15 5.50
CA GLU A 378 7.34 1.02 6.07
C GLU A 378 7.73 1.19 7.54
N ILE A 379 7.90 0.07 8.23
CA ILE A 379 8.08 0.03 9.71
C ILE A 379 9.47 0.59 10.05
N ILE A 380 10.40 0.65 9.10
CA ILE A 380 11.75 1.27 9.30
C ILE A 380 11.89 2.56 8.50
N GLY A 381 10.86 2.95 7.74
CA GLY A 381 10.76 4.23 7.03
C GLY A 381 11.43 4.16 5.68
N VAL A 382 11.83 2.98 5.23
CA VAL A 382 12.46 2.78 3.89
C VAL A 382 11.39 2.92 2.82
N ASP A 383 10.10 2.77 3.17
CA ASP A 383 8.94 3.08 2.29
C ASP A 383 8.01 4.04 3.03
N PRO A 384 7.35 4.98 2.33
CA PRO A 384 6.50 5.96 3.02
C PRO A 384 5.20 5.29 3.44
N ASN A 385 4.58 5.80 4.50
CA ASN A 385 3.18 5.54 4.93
C ASN A 385 2.77 6.68 5.85
N PRO A 386 2.11 7.75 5.34
CA PRO A 386 1.70 8.86 6.20
C PRO A 386 0.74 8.41 7.30
N SER A 387 0.00 7.31 7.10
CA SER A 387 -1.04 6.74 8.03
C SER A 387 -0.35 6.15 9.27
N PHE A 388 0.94 5.84 9.17
CA PHE A 388 1.73 5.22 10.26
C PHE A 388 2.62 6.29 10.89
N ASP A 389 2.42 6.58 12.18
CA ASP A 389 3.17 7.61 12.93
C ASP A 389 4.45 6.97 13.46
N ILE A 390 5.50 6.95 12.64
CA ILE A 390 6.78 6.21 12.91
C ILE A 390 7.53 6.81 14.10
N ARG A 391 7.55 8.13 14.25
CA ARG A 391 8.14 8.82 15.43
C ARG A 391 7.41 8.33 16.69
N ALA A 392 6.08 8.33 16.68
CA ALA A 392 5.22 7.99 17.86
C ALA A 392 5.47 6.52 18.29
N PHE A 393 5.53 5.61 17.30
CA PHE A 393 5.78 4.15 17.47
C PHE A 393 7.10 3.88 18.20
N TYR A 394 8.20 4.49 17.74
CA TYR A 394 9.55 4.21 18.25
C TYR A 394 9.74 4.90 19.60
N LEU A 395 9.16 6.09 19.79
CA LEU A 395 9.21 6.81 21.09
C LEU A 395 8.47 6.01 22.16
N ARG A 396 7.27 5.53 21.88
CA ARG A 396 6.40 4.82 22.85
C ARG A 396 7.13 3.53 23.25
N LEU A 397 7.87 2.91 22.31
CA LEU A 397 8.68 1.67 22.56
C LEU A 397 9.85 1.98 23.51
N ALA A 398 10.66 2.99 23.21
CA ALA A 398 11.78 3.48 24.05
C ALA A 398 11.29 3.75 25.46
N GLU A 399 10.15 4.45 25.60
CA GLU A 399 9.52 4.77 26.91
C GLU A 399 9.25 3.44 27.63
N GLN A 400 8.68 2.43 26.95
CA GLN A 400 8.39 1.10 27.55
C GLN A 400 9.68 0.40 28.00
N LEU A 401 10.74 0.43 27.17
CA LEU A 401 12.00 -0.29 27.45
C LEU A 401 12.72 0.37 28.62
N ALA A 402 12.54 1.69 28.79
CA ALA A 402 13.14 2.49 29.88
C ALA A 402 12.38 2.20 31.18
N SER A 403 11.14 1.73 31.08
CA SER A 403 10.25 1.42 32.25
C SER A 403 10.58 0.05 32.84
N LEU A 404 11.29 -0.79 32.07
CA LEU A 404 11.53 -2.20 32.44
C LEU A 404 12.36 -2.25 33.73
N ARG A 405 11.93 -3.08 34.68
CA ARG A 405 12.66 -3.34 35.94
C ARG A 405 13.91 -4.14 35.58
N PRO A 406 15.09 -3.73 36.08
CA PRO A 406 16.34 -4.42 35.75
C PRO A 406 16.52 -5.74 36.49
N SER B 20 -28.90 25.89 -31.77
CA SER B 20 -27.94 25.28 -32.74
C SER B 20 -28.47 23.88 -33.10
N LEU B 21 -28.16 23.43 -34.32
CA LEU B 21 -28.86 22.32 -35.03
C LEU B 21 -28.34 20.97 -34.53
N ARG B 22 -29.24 19.98 -34.39
CA ARG B 22 -28.93 18.55 -34.06
C ARG B 22 -28.28 17.88 -35.27
N ALA B 23 -27.17 17.13 -35.06
CA ALA B 23 -26.48 16.36 -36.12
C ALA B 23 -26.46 14.85 -35.78
N ASN B 24 -26.82 14.44 -34.56
CA ASN B 24 -26.85 13.02 -34.15
C ASN B 24 -28.12 12.75 -33.32
N ASP B 25 -28.54 11.50 -33.27
CA ASP B 25 -29.77 11.02 -32.58
C ASP B 25 -29.35 10.05 -31.45
N ALA B 26 -28.05 9.95 -31.20
CA ALA B 26 -27.47 9.04 -30.19
C ALA B 26 -28.03 9.44 -28.83
N PRO B 27 -28.42 8.46 -28.00
CA PRO B 27 -28.93 8.74 -26.65
C PRO B 27 -27.85 9.10 -25.62
N ILE B 28 -28.27 9.86 -24.62
CA ILE B 28 -27.41 10.30 -23.48
C ILE B 28 -27.48 9.20 -22.41
N VAL B 29 -26.37 8.97 -21.67
CA VAL B 29 -26.29 7.98 -20.55
C VAL B 29 -25.62 8.65 -19.36
N LEU B 30 -26.34 8.74 -18.24
CA LEU B 30 -25.92 9.42 -16.98
C LEU B 30 -25.10 8.43 -16.14
N LEU B 31 -23.95 8.88 -15.66
CA LEU B 31 -23.00 8.01 -14.93
C LEU B 31 -22.44 8.76 -13.71
N HIS B 32 -22.81 8.27 -12.53
CA HIS B 32 -22.51 8.82 -11.20
C HIS B 32 -21.05 8.54 -10.79
N GLY B 33 -20.70 9.04 -9.60
CA GLY B 33 -19.33 9.08 -9.06
C GLY B 33 -19.11 8.02 -8.00
N PHE B 34 -18.35 8.39 -6.95
CA PHE B 34 -17.92 7.54 -5.81
C PHE B 34 -19.13 7.24 -4.93
N THR B 35 -20.23 7.96 -5.13
CA THR B 35 -21.59 7.60 -4.60
C THR B 35 -22.53 7.62 -5.78
N GLY B 36 -23.55 6.77 -5.81
CA GLY B 36 -24.55 6.77 -6.90
C GLY B 36 -25.38 5.52 -6.89
N TRP B 37 -26.63 5.62 -7.38
CA TRP B 37 -27.65 4.55 -7.27
C TRP B 37 -28.70 4.67 -8.37
N GLY B 38 -29.36 3.54 -8.68
CA GLY B 38 -30.42 3.43 -9.69
C GLY B 38 -31.64 4.22 -9.29
N ARG B 39 -32.47 4.55 -10.27
CA ARG B 39 -33.61 5.49 -10.19
C ARG B 39 -34.56 5.10 -9.05
N GLU B 40 -34.76 3.81 -8.78
CA GLU B 40 -35.77 3.31 -7.80
C GLU B 40 -35.22 3.31 -6.38
N GLU B 41 -33.90 3.31 -6.25
CA GLU B 41 -33.19 3.28 -4.95
C GLU B 41 -33.33 4.65 -4.26
N MET B 42 -33.02 4.70 -2.98
CA MET B 42 -32.94 5.94 -2.15
C MET B 42 -34.30 6.64 -2.14
N PHE B 43 -35.36 5.82 -2.12
CA PHE B 43 -36.78 6.22 -2.02
C PHE B 43 -37.12 7.17 -3.18
N GLY B 44 -36.52 6.96 -4.37
CA GLY B 44 -36.77 7.74 -5.60
C GLY B 44 -36.06 9.09 -5.60
N PHE B 45 -35.32 9.45 -4.55
CA PHE B 45 -34.40 10.62 -4.55
C PHE B 45 -33.30 10.31 -5.55
N LYS B 46 -33.13 11.15 -6.57
CA LYS B 46 -32.21 10.89 -7.73
C LYS B 46 -30.82 11.48 -7.46
N TYR B 47 -29.79 10.68 -7.71
CA TYR B 47 -28.38 11.16 -7.78
C TYR B 47 -28.34 12.30 -8.78
N TRP B 48 -28.90 12.07 -9.98
CA TRP B 48 -29.00 13.10 -11.05
C TRP B 48 -30.23 13.98 -10.79
N GLY B 49 -30.08 14.96 -9.89
CA GLY B 49 -31.04 16.07 -9.66
C GLY B 49 -31.34 16.33 -8.20
N GLY B 50 -31.22 15.31 -7.35
CA GLY B 50 -31.50 15.43 -5.90
C GLY B 50 -32.67 16.35 -5.60
N VAL B 51 -32.47 17.31 -4.70
CA VAL B 51 -33.59 18.15 -4.16
C VAL B 51 -34.16 19.04 -5.27
N ARG B 52 -33.47 19.14 -6.41
CA ARG B 52 -33.84 20.07 -7.50
C ARG B 52 -34.84 19.38 -8.42
N GLY B 53 -34.89 18.05 -8.43
CA GLY B 53 -35.81 17.28 -9.28
C GLY B 53 -35.17 16.04 -9.85
N ASP B 54 -35.34 15.83 -11.15
CA ASP B 54 -35.01 14.57 -11.86
C ASP B 54 -34.43 14.95 -13.22
N ILE B 55 -33.10 14.93 -13.34
CA ILE B 55 -32.39 15.41 -14.56
C ILE B 55 -32.76 14.50 -15.74
N GLU B 56 -32.84 13.17 -15.55
CA GLU B 56 -33.12 12.24 -16.68
C GLU B 56 -34.48 12.62 -17.30
N GLN B 57 -35.45 12.97 -16.45
CA GLN B 57 -36.83 13.25 -16.90
C GLN B 57 -36.82 14.58 -17.71
N TRP B 58 -36.20 15.65 -17.21
CA TRP B 58 -36.09 16.95 -17.94
C TRP B 58 -35.53 16.73 -19.35
N LEU B 59 -34.47 15.92 -19.50
CA LEU B 59 -33.81 15.65 -20.80
C LEU B 59 -34.81 14.92 -21.72
N ASN B 60 -35.40 13.83 -21.23
CA ASN B 60 -36.40 13.00 -21.98
C ASN B 60 -37.56 13.87 -22.49
N GLU B 61 -38.09 14.73 -21.60
CA GLU B 61 -39.22 15.67 -21.84
C GLU B 61 -38.86 16.61 -22.98
N ASN B 62 -37.60 17.02 -23.08
CA ASN B 62 -37.13 18.11 -23.99
C ASN B 62 -36.51 17.51 -25.27
N GLY B 63 -36.68 16.21 -25.49
CA GLY B 63 -36.43 15.55 -26.79
C GLY B 63 -35.09 14.82 -26.84
N TYR B 64 -34.32 14.82 -25.76
CA TYR B 64 -33.02 14.10 -25.71
C TYR B 64 -33.23 12.78 -24.93
N ARG B 65 -33.29 11.66 -25.68
CA ARG B 65 -33.44 10.29 -25.12
C ARG B 65 -32.31 10.09 -24.11
N THR B 66 -32.66 9.75 -22.86
CA THR B 66 -31.72 9.75 -21.72
C THR B 66 -32.00 8.58 -20.76
N TYR B 67 -30.96 7.79 -20.50
CA TYR B 67 -30.89 6.64 -19.57
C TYR B 67 -29.89 6.93 -18.46
N THR B 68 -29.94 6.11 -17.42
CA THR B 68 -29.15 6.26 -16.18
C THR B 68 -28.50 4.91 -15.88
N LEU B 69 -27.17 4.86 -15.90
CA LEU B 69 -26.35 3.74 -15.37
C LEU B 69 -26.20 3.90 -13.86
N ALA B 70 -26.14 2.74 -13.20
CA ALA B 70 -25.91 2.54 -11.76
C ALA B 70 -24.91 1.38 -11.58
N VAL B 71 -23.70 1.69 -11.17
CA VAL B 71 -22.57 0.72 -11.03
C VAL B 71 -22.11 0.77 -9.56
N GLY B 72 -21.28 -0.16 -9.14
CA GLY B 72 -20.79 -0.23 -7.75
C GLY B 72 -19.98 1.02 -7.41
N PRO B 73 -20.55 2.00 -6.69
CA PRO B 73 -19.91 3.30 -6.51
C PRO B 73 -18.53 3.29 -5.86
N LEU B 74 -18.18 2.32 -5.01
CA LEU B 74 -16.85 2.29 -4.33
C LEU B 74 -15.86 1.41 -5.12
N SER B 75 -16.27 0.82 -6.24
CA SER B 75 -15.47 -0.21 -6.93
C SER B 75 -14.45 0.44 -7.87
N SER B 76 -13.46 -0.32 -8.33
CA SER B 76 -12.45 0.20 -9.28
C SER B 76 -13.16 0.73 -10.52
N ASN B 77 -12.56 1.71 -11.19
CA ASN B 77 -13.06 2.22 -12.48
C ASN B 77 -13.17 1.01 -13.44
N TRP B 78 -12.20 0.10 -13.40
CA TRP B 78 -12.19 -1.16 -14.20
C TRP B 78 -13.48 -1.97 -13.99
N ASP B 79 -13.86 -2.22 -12.73
CA ASP B 79 -15.01 -3.10 -12.39
C ASP B 79 -16.26 -2.44 -12.95
N ARG B 80 -16.36 -1.13 -12.72
CA ARG B 80 -17.50 -0.25 -13.11
C ARG B 80 -17.55 -0.14 -14.64
N ALA B 81 -16.39 -0.18 -15.30
CA ALA B 81 -16.32 -0.20 -16.77
C ALA B 81 -16.98 -1.49 -17.24
N CYS B 82 -16.52 -2.61 -16.70
CA CYS B 82 -17.02 -3.99 -16.96
C CYS B 82 -18.52 -4.04 -16.59
N GLU B 83 -18.94 -3.37 -15.53
CA GLU B 83 -20.36 -3.36 -15.13
C GLU B 83 -21.16 -2.52 -16.12
N ALA B 84 -20.72 -1.28 -16.33
CA ALA B 84 -21.33 -0.35 -17.30
C ALA B 84 -21.54 -1.09 -18.63
N TYR B 85 -20.49 -1.75 -19.13
CA TYR B 85 -20.50 -2.44 -20.46
C TYR B 85 -21.72 -3.39 -20.56
N ALA B 86 -21.85 -4.30 -19.59
CA ALA B 86 -22.88 -5.35 -19.54
C ALA B 86 -24.26 -4.69 -19.39
N GLN B 87 -24.32 -3.64 -18.59
CA GLN B 87 -25.56 -2.87 -18.27
C GLN B 87 -26.08 -2.23 -19.56
N LEU B 88 -25.19 -1.88 -20.50
CA LEU B 88 -25.60 -1.27 -21.78
C LEU B 88 -25.91 -2.38 -22.79
N VAL B 89 -24.93 -3.22 -23.17
CA VAL B 89 -25.06 -4.19 -24.30
C VAL B 89 -25.87 -5.40 -23.87
N GLY B 90 -26.02 -5.63 -22.57
CA GLY B 90 -26.63 -6.86 -22.05
C GLY B 90 -25.62 -7.97 -21.86
N GLY B 91 -25.77 -8.73 -20.79
CA GLY B 91 -25.05 -9.98 -20.52
C GLY B 91 -24.72 -10.10 -19.05
N THR B 92 -23.82 -11.02 -18.70
CA THR B 92 -23.30 -11.17 -17.32
C THR B 92 -21.97 -10.40 -17.21
N VAL B 93 -21.86 -9.51 -16.22
CA VAL B 93 -20.64 -8.68 -15.97
C VAL B 93 -19.44 -9.63 -15.94
N ASP B 94 -18.44 -9.42 -16.80
CA ASP B 94 -17.19 -10.24 -16.85
C ASP B 94 -16.00 -9.34 -16.51
N TYR B 95 -15.48 -9.43 -15.29
CA TYR B 95 -14.34 -8.58 -14.83
C TYR B 95 -13.02 -8.95 -15.50
N GLY B 96 -12.94 -10.05 -16.26
CA GLY B 96 -11.69 -10.58 -16.86
C GLY B 96 -11.00 -11.57 -15.92
N ALA B 97 -10.65 -12.75 -16.43
CA ALA B 97 -9.96 -13.85 -15.72
C ALA B 97 -8.68 -13.33 -15.06
N ALA B 98 -7.81 -12.67 -15.83
CA ALA B 98 -6.51 -12.15 -15.31
C ALA B 98 -6.77 -11.19 -14.13
N HIS B 99 -7.56 -10.13 -14.37
CA HIS B 99 -7.98 -9.14 -13.34
C HIS B 99 -8.57 -9.81 -12.09
N ALA B 100 -9.50 -10.76 -12.26
CA ALA B 100 -10.17 -11.50 -11.18
C ALA B 100 -9.11 -12.21 -10.31
N ALA B 101 -8.24 -13.02 -10.92
CA ALA B 101 -7.27 -13.88 -10.21
C ALA B 101 -6.18 -13.01 -9.60
N LYS B 102 -5.92 -11.83 -10.18
CA LYS B 102 -4.84 -10.91 -9.73
C LYS B 102 -5.26 -10.28 -8.40
N HIS B 103 -6.47 -9.69 -8.33
CA HIS B 103 -6.99 -8.93 -7.16
C HIS B 103 -7.85 -9.79 -6.25
N GLY B 104 -8.20 -11.00 -6.69
CA GLY B 104 -8.81 -12.02 -5.83
C GLY B 104 -10.29 -11.76 -5.60
N HIS B 105 -11.05 -11.46 -6.66
CA HIS B 105 -12.52 -11.34 -6.60
C HIS B 105 -13.18 -12.12 -7.74
N ALA B 106 -14.51 -12.24 -7.71
CA ALA B 106 -15.30 -13.03 -8.69
C ALA B 106 -14.99 -12.51 -10.10
N ARG B 107 -14.78 -13.39 -11.07
CA ARG B 107 -14.71 -12.98 -12.49
C ARG B 107 -16.09 -12.47 -12.96
N PHE B 108 -17.16 -13.19 -12.63
CA PHE B 108 -18.55 -12.92 -13.11
C PHE B 108 -19.34 -12.16 -12.03
N GLY B 109 -20.27 -11.30 -12.45
CA GLY B 109 -21.15 -10.52 -11.57
C GLY B 109 -22.60 -10.64 -11.97
N ARG B 110 -23.36 -9.55 -11.78
CA ARG B 110 -24.81 -9.43 -12.05
C ARG B 110 -25.07 -9.63 -13.54
N THR B 111 -26.30 -10.02 -13.87
CA THR B 111 -26.75 -10.32 -15.26
C THR B 111 -27.79 -9.25 -15.63
N TYR B 112 -27.66 -8.65 -16.81
CA TYR B 112 -28.42 -7.43 -17.22
C TYR B 112 -29.09 -7.67 -18.57
N PRO B 113 -30.36 -7.24 -18.75
CA PRO B 113 -31.06 -7.45 -20.03
C PRO B 113 -30.45 -6.61 -21.17
N GLY B 114 -29.86 -5.45 -20.84
CA GLY B 114 -29.16 -4.55 -21.78
C GLY B 114 -30.05 -3.38 -22.15
N LEU B 115 -29.65 -2.17 -21.74
CA LEU B 115 -30.39 -0.89 -21.99
C LEU B 115 -30.44 -0.62 -23.50
N LEU B 116 -29.35 -0.88 -24.21
CA LEU B 116 -29.03 -0.32 -25.56
C LEU B 116 -28.23 -1.34 -26.37
N PRO B 117 -28.77 -2.56 -26.62
CA PRO B 117 -28.02 -3.56 -27.39
C PRO B 117 -27.71 -3.14 -28.84
N GLU B 118 -28.35 -2.06 -29.34
CA GLU B 118 -28.08 -1.44 -30.67
C GLU B 118 -26.63 -0.95 -30.76
N LEU B 119 -25.90 -0.92 -29.64
CA LEU B 119 -24.48 -0.51 -29.61
C LEU B 119 -23.62 -1.61 -30.24
N LYS B 120 -24.08 -2.87 -30.16
CA LYS B 120 -23.42 -4.03 -30.79
C LYS B 120 -23.48 -3.86 -32.30
N ARG B 121 -24.54 -3.21 -32.78
CA ARG B 121 -24.96 -3.18 -34.20
C ARG B 121 -24.79 -1.77 -34.80
N GLY B 122 -24.06 -0.87 -34.13
CA GLY B 122 -23.54 0.37 -34.74
C GLY B 122 -24.04 1.65 -34.08
N GLY B 123 -25.05 1.59 -33.20
CA GLY B 123 -25.51 2.76 -32.42
C GLY B 123 -24.37 3.37 -31.61
N ARG B 124 -24.52 4.61 -31.15
CA ARG B 124 -23.52 5.30 -30.30
C ARG B 124 -24.22 5.93 -29.09
N ILE B 125 -23.47 6.31 -28.04
CA ILE B 125 -24.01 7.09 -26.88
C ILE B 125 -23.13 8.30 -26.58
N HIS B 126 -23.73 9.30 -25.93
CA HIS B 126 -23.02 10.36 -25.18
C HIS B 126 -23.01 9.96 -23.70
N ILE B 127 -21.85 9.86 -23.07
CA ILE B 127 -21.81 9.67 -21.59
C ILE B 127 -21.61 11.04 -20.94
N ILE B 128 -22.53 11.37 -20.03
CA ILE B 128 -22.40 12.48 -19.06
C ILE B 128 -22.09 11.85 -17.72
N ALA B 129 -20.89 12.09 -17.17
CA ALA B 129 -20.40 11.47 -15.92
C ALA B 129 -20.03 12.56 -14.92
N HIS B 130 -20.29 12.29 -13.65
CA HIS B 130 -20.04 13.20 -12.51
C HIS B 130 -18.98 12.55 -11.64
N SER B 131 -18.02 13.35 -11.12
CA SER B 131 -17.03 12.88 -10.12
C SER B 131 -16.20 11.74 -10.73
N GLN B 132 -15.94 10.69 -9.95
CA GLN B 132 -15.14 9.52 -10.35
C GLN B 132 -15.70 8.92 -11.65
N GLY B 133 -16.98 9.10 -11.94
CA GLY B 133 -17.60 8.56 -13.17
C GLY B 133 -16.86 8.94 -14.44
N GLY B 134 -16.13 10.07 -14.45
CA GLY B 134 -15.39 10.58 -15.62
C GLY B 134 -14.19 9.71 -15.92
N GLN B 135 -13.50 9.24 -14.87
CA GLN B 135 -12.50 8.16 -14.97
C GLN B 135 -13.22 6.93 -15.53
N ASN B 136 -14.32 6.51 -14.93
CA ASN B 136 -15.15 5.35 -15.35
C ASN B 136 -15.41 5.44 -16.86
N ALA B 137 -15.91 6.60 -17.32
CA ALA B 137 -16.26 6.84 -18.73
C ALA B 137 -15.03 6.71 -19.63
N ARG B 138 -13.97 7.48 -19.37
CA ARG B 138 -12.75 7.45 -20.17
C ARG B 138 -12.26 6.00 -20.30
N MET B 139 -12.35 5.22 -19.22
CA MET B 139 -11.79 3.84 -19.20
C MET B 139 -12.66 2.91 -20.03
N LEU B 140 -13.97 3.10 -20.05
CA LEU B 140 -14.88 2.23 -20.84
C LEU B 140 -14.54 2.40 -22.34
N VAL B 141 -14.28 3.64 -22.73
CA VAL B 141 -13.91 4.02 -24.12
C VAL B 141 -12.59 3.33 -24.45
N SER B 142 -11.57 3.57 -23.63
CA SER B 142 -10.21 2.98 -23.80
C SER B 142 -10.32 1.47 -24.00
N LEU B 143 -11.12 0.79 -23.16
CA LEU B 143 -11.35 -0.68 -23.24
C LEU B 143 -12.14 -1.01 -24.51
N LEU B 144 -13.17 -0.23 -24.88
CA LEU B 144 -13.97 -0.53 -26.10
C LEU B 144 -13.07 -0.39 -27.32
N GLU B 145 -12.17 0.61 -27.36
CA GLU B 145 -11.34 0.87 -28.56
C GLU B 145 -10.17 -0.13 -28.61
N ASN B 146 -9.47 -0.38 -27.50
CA ASN B 146 -8.18 -1.13 -27.47
C ASN B 146 -8.28 -2.46 -26.72
N GLY B 147 -9.27 -2.64 -25.85
CA GLY B 147 -9.40 -3.88 -25.04
C GLY B 147 -8.34 -3.98 -23.97
N SER B 148 -7.81 -5.19 -23.71
CA SER B 148 -6.75 -5.46 -22.71
C SER B 148 -5.80 -6.55 -23.26
N GLN B 149 -4.54 -6.18 -23.47
CA GLN B 149 -3.45 -7.13 -23.78
C GLN B 149 -3.38 -8.18 -22.67
N GLU B 150 -3.63 -7.79 -21.42
CA GLU B 150 -3.47 -8.72 -20.26
C GLU B 150 -4.52 -9.83 -20.36
N GLU B 151 -5.77 -9.48 -20.68
CA GLU B 151 -6.92 -10.41 -20.66
C GLU B 151 -6.89 -11.31 -21.91
N ARG B 152 -6.49 -10.75 -23.05
CA ARG B 152 -6.22 -11.48 -24.33
C ARG B 152 -5.11 -12.52 -24.14
N GLU B 153 -3.92 -12.09 -23.68
CA GLU B 153 -2.75 -12.96 -23.43
C GLU B 153 -3.15 -14.07 -22.45
N TYR B 154 -3.84 -13.72 -21.36
CA TYR B 154 -4.30 -14.66 -20.30
C TYR B 154 -5.31 -15.66 -20.88
N ALA B 155 -6.14 -15.21 -21.82
CA ALA B 155 -7.21 -16.05 -22.41
C ALA B 155 -6.56 -17.12 -23.28
N LYS B 156 -5.52 -16.78 -24.03
CA LYS B 156 -4.73 -17.76 -24.81
C LYS B 156 -4.15 -18.78 -23.81
N ALA B 157 -3.45 -18.28 -22.79
CA ALA B 157 -2.57 -19.03 -21.89
C ALA B 157 -3.36 -20.07 -21.07
N HIS B 158 -4.58 -19.73 -20.62
CA HIS B 158 -5.36 -20.49 -19.59
C HIS B 158 -6.61 -21.16 -20.20
N ASN B 159 -6.83 -21.07 -21.51
CA ASN B 159 -7.96 -21.74 -22.19
C ASN B 159 -9.26 -21.34 -21.47
N VAL B 160 -9.44 -20.03 -21.24
CA VAL B 160 -10.67 -19.39 -20.68
C VAL B 160 -11.34 -18.51 -21.75
N SER B 161 -12.65 -18.26 -21.59
CA SER B 161 -13.41 -17.32 -22.44
C SER B 161 -12.90 -15.87 -22.18
N LEU B 162 -13.12 -15.02 -23.20
CA LEU B 162 -12.79 -13.58 -23.20
C LEU B 162 -14.05 -12.78 -23.51
N SER B 163 -14.36 -11.77 -22.66
CA SER B 163 -15.42 -10.77 -22.88
C SER B 163 -15.11 -10.03 -24.17
N PRO B 164 -16.08 -9.76 -25.06
CA PRO B 164 -15.82 -8.92 -26.23
C PRO B 164 -15.24 -7.54 -25.85
N LEU B 165 -15.47 -7.09 -24.60
CA LEU B 165 -14.97 -5.80 -24.07
C LEU B 165 -13.43 -5.74 -24.15
N PHE B 166 -12.76 -6.89 -24.15
CA PHE B 166 -11.27 -6.98 -24.10
C PHE B 166 -10.70 -7.24 -25.50
N GLU B 167 -11.54 -7.40 -26.52
CA GLU B 167 -11.12 -7.61 -27.93
C GLU B 167 -10.61 -6.30 -28.56
N GLY B 168 -11.03 -5.13 -28.08
CA GLY B 168 -10.84 -3.88 -28.83
C GLY B 168 -11.65 -3.89 -30.12
N GLY B 169 -11.52 -2.84 -30.94
CA GLY B 169 -12.24 -2.73 -32.22
C GLY B 169 -13.72 -2.37 -32.03
N HIS B 170 -14.15 -2.12 -30.78
CA HIS B 170 -15.47 -1.54 -30.44
C HIS B 170 -15.39 -0.01 -30.40
N HIS B 171 -16.41 0.66 -30.90
CA HIS B 171 -16.55 2.13 -30.88
C HIS B 171 -18.04 2.44 -30.79
N PHE B 172 -18.58 2.63 -29.58
CA PHE B 172 -20.02 2.94 -29.43
C PHE B 172 -20.22 4.15 -28.51
N VAL B 173 -19.14 4.86 -28.15
CA VAL B 173 -19.18 6.13 -27.35
C VAL B 173 -18.77 7.26 -28.29
N LEU B 174 -19.74 8.04 -28.77
CA LEU B 174 -19.52 9.24 -29.62
C LEU B 174 -18.90 10.37 -28.78
N SER B 175 -19.33 10.51 -27.52
CA SER B 175 -18.88 11.63 -26.65
C SER B 175 -18.81 11.16 -25.19
N VAL B 176 -17.83 11.70 -24.47
CA VAL B 176 -17.73 11.66 -22.98
C VAL B 176 -17.69 13.10 -22.48
N THR B 177 -18.47 13.39 -21.46
CA THR B 177 -18.54 14.70 -20.79
C THR B 177 -18.29 14.46 -19.33
N THR B 178 -17.29 15.12 -18.75
CA THR B 178 -16.97 14.98 -17.29
C THR B 178 -17.38 16.29 -16.61
N ILE B 179 -18.03 16.18 -15.44
CA ILE B 179 -18.38 17.33 -14.55
C ILE B 179 -17.76 17.05 -13.16
N ALA B 180 -16.85 17.93 -12.75
CA ALA B 180 -16.13 17.86 -11.46
C ALA B 180 -15.47 16.47 -11.27
N THR B 181 -14.93 15.89 -12.34
CA THR B 181 -14.16 14.62 -12.32
C THR B 181 -12.76 14.91 -11.79
N PRO B 182 -12.20 14.05 -10.92
CA PRO B 182 -10.83 14.21 -10.48
C PRO B 182 -9.90 13.48 -11.47
N HIS B 183 -9.71 14.04 -12.67
CA HIS B 183 -8.88 13.42 -13.75
C HIS B 183 -7.44 13.20 -13.27
N ASP B 184 -6.96 14.03 -12.33
CA ASP B 184 -5.60 13.96 -11.71
C ASP B 184 -5.66 13.56 -10.21
N GLY B 185 -6.80 13.02 -9.76
CA GLY B 185 -7.08 12.65 -8.36
C GLY B 185 -7.60 13.83 -7.56
N THR B 186 -8.01 13.61 -6.32
CA THR B 186 -8.27 14.69 -5.32
C THR B 186 -7.34 14.46 -4.13
N THR B 187 -6.78 15.52 -3.56
CA THR B 187 -5.84 15.45 -2.40
C THR B 187 -6.60 15.03 -1.14
N LEU B 188 -7.94 15.02 -1.19
CA LEU B 188 -8.80 14.59 -0.05
C LEU B 188 -8.41 13.18 0.42
N VAL B 189 -7.94 12.32 -0.47
CA VAL B 189 -7.63 10.92 -0.08
C VAL B 189 -6.43 10.92 0.88
N ASN B 190 -5.59 11.97 0.80
CA ASN B 190 -4.33 12.19 1.61
C ASN B 190 -4.61 12.76 3.01
N MET B 191 -5.88 13.03 3.29
CA MET B 191 -6.41 13.56 4.57
C MET B 191 -6.25 12.47 5.60
N VAL B 192 -6.10 12.87 6.87
CA VAL B 192 -5.52 12.02 7.96
C VAL B 192 -6.50 10.90 8.31
N ASP B 193 -7.77 11.18 8.59
CA ASP B 193 -8.74 10.09 8.85
C ASP B 193 -9.69 9.98 7.65
N PHE B 194 -9.15 9.88 6.42
CA PHE B 194 -9.96 9.87 5.19
C PHE B 194 -10.94 8.70 5.23
N THR B 195 -10.49 7.58 5.78
CA THR B 195 -11.30 6.37 6.03
C THR B 195 -12.65 6.78 6.68
N ASP B 196 -12.66 7.34 7.89
CA ASP B 196 -13.91 7.65 8.63
C ASP B 196 -14.70 8.81 7.98
N ARG B 197 -13.99 9.81 7.44
CA ARG B 197 -14.56 11.04 6.85
C ARG B 197 -15.24 10.69 5.52
N PHE B 198 -14.64 9.83 4.71
CA PHE B 198 -15.25 9.40 3.43
C PHE B 198 -16.59 8.73 3.68
N PHE B 199 -16.71 7.95 4.76
CA PHE B 199 -17.95 7.23 5.12
C PHE B 199 -18.92 8.22 5.81
N ASP B 200 -18.40 9.24 6.52
CA ASP B 200 -19.21 10.42 6.98
C ASP B 200 -19.73 11.21 5.76
N LEU B 201 -18.95 11.32 4.68
CA LEU B 201 -19.48 11.91 3.43
C LEU B 201 -20.62 11.02 2.91
N GLN B 202 -20.47 9.69 2.88
CA GLN B 202 -21.52 8.77 2.34
C GLN B 202 -22.78 8.87 3.20
N LYS B 203 -22.61 9.13 4.50
CA LYS B 203 -23.73 9.26 5.47
C LYS B 203 -24.44 10.60 5.26
N ALA B 204 -23.71 11.64 4.83
CA ALA B 204 -24.25 13.00 4.60
C ALA B 204 -25.09 13.01 3.32
N VAL B 205 -24.63 12.37 2.24
CA VAL B 205 -25.37 12.20 0.96
C VAL B 205 -26.67 11.44 1.23
N LEU B 206 -26.61 10.46 2.14
CA LEU B 206 -27.75 9.62 2.58
C LEU B 206 -28.76 10.46 3.36
N GLU B 207 -28.27 11.39 4.18
CA GLU B 207 -29.12 12.22 5.07
C GLU B 207 -29.74 13.36 4.27
N ALA B 208 -29.15 13.67 3.10
CA ALA B 208 -29.65 14.68 2.13
C ALA B 208 -30.82 14.09 1.34
N ALA B 209 -31.00 12.78 1.41
CA ALA B 209 -32.04 11.97 0.75
C ALA B 209 -33.09 11.47 1.77
N ALA B 210 -32.99 11.89 3.03
CA ALA B 210 -33.87 11.48 4.16
C ALA B 210 -33.47 10.13 4.79
N VAL B 211 -32.60 9.34 4.17
CA VAL B 211 -32.14 8.04 4.76
C VAL B 211 -31.23 8.36 5.97
N ALA B 212 -31.50 7.74 7.12
CA ALA B 212 -30.67 7.79 8.35
C ALA B 212 -29.62 6.67 8.32
N SER B 213 -28.47 6.88 8.92
CA SER B 213 -27.38 5.89 8.94
C SER B 213 -27.51 4.92 10.15
N ASN B 214 -28.41 5.18 11.08
CA ASN B 214 -28.52 4.39 12.32
C ASN B 214 -29.81 3.55 12.32
N VAL B 215 -30.46 3.38 11.18
CA VAL B 215 -31.77 2.67 11.11
C VAL B 215 -31.59 1.38 10.32
N PRO B 216 -31.94 0.20 10.89
CA PRO B 216 -31.81 -1.07 10.19
C PRO B 216 -32.95 -1.30 9.18
N TYR B 217 -32.86 -0.66 8.00
CA TYR B 217 -33.87 -0.77 6.92
C TYR B 217 -33.93 -2.20 6.42
N THR B 218 -35.13 -2.78 6.38
CA THR B 218 -35.39 -4.14 5.87
C THR B 218 -35.54 -4.08 4.35
N SER B 219 -35.88 -2.92 3.80
CA SER B 219 -35.75 -2.57 2.35
C SER B 219 -34.26 -2.38 1.99
N GLN B 220 -33.84 -2.59 0.75
CA GLN B 220 -32.39 -2.60 0.36
C GLN B 220 -31.82 -1.17 0.39
N VAL B 221 -32.64 -0.20 0.01
CA VAL B 221 -32.41 1.28 0.08
C VAL B 221 -31.32 1.70 -0.90
N TYR B 222 -30.07 1.33 -0.61
CA TYR B 222 -28.87 1.70 -1.40
C TYR B 222 -28.04 0.43 -1.54
N ASP B 223 -27.90 -0.08 -2.76
CA ASP B 223 -27.09 -1.27 -3.09
C ASP B 223 -25.71 -0.80 -3.55
N PHE B 224 -24.63 -1.20 -2.87
CA PHE B 224 -23.25 -0.83 -3.28
C PHE B 224 -22.74 -1.86 -4.29
N LYS B 225 -23.54 -2.88 -4.60
CA LYS B 225 -23.30 -3.75 -5.79
C LYS B 225 -21.87 -4.28 -5.71
N LEU B 226 -21.54 -4.86 -4.55
CA LEU B 226 -20.22 -5.41 -4.22
C LEU B 226 -20.25 -6.94 -4.34
N ASP B 227 -21.01 -7.51 -5.28
CA ASP B 227 -21.18 -8.99 -5.35
C ASP B 227 -19.83 -9.65 -5.58
N GLN B 228 -18.96 -9.01 -6.37
CA GLN B 228 -17.64 -9.58 -6.76
C GLN B 228 -16.81 -9.81 -5.49
N TRP B 229 -16.97 -8.96 -4.46
CA TRP B 229 -16.24 -8.99 -3.17
C TRP B 229 -16.96 -9.79 -2.08
N GLY B 230 -18.19 -10.29 -2.31
CA GLY B 230 -18.97 -11.11 -1.34
C GLY B 230 -19.66 -10.28 -0.26
N LEU B 231 -19.78 -8.96 -0.45
CA LEU B 231 -20.30 -8.01 0.58
C LEU B 231 -21.70 -7.53 0.20
N ARG B 232 -22.64 -7.67 1.11
CA ARG B 232 -23.94 -6.94 1.11
C ARG B 232 -24.27 -6.50 2.53
N ARG B 233 -25.00 -5.41 2.66
CA ARG B 233 -25.65 -5.04 3.95
C ARG B 233 -26.58 -6.20 4.33
N GLN B 234 -26.44 -6.72 5.55
CA GLN B 234 -27.20 -7.91 6.03
C GLN B 234 -28.53 -7.40 6.55
N PRO B 235 -29.60 -8.21 6.53
CA PRO B 235 -30.90 -7.80 7.08
C PRO B 235 -30.80 -7.31 8.54
N GLY B 236 -31.42 -6.17 8.85
CA GLY B 236 -31.42 -5.58 10.21
C GLY B 236 -30.07 -4.98 10.62
N GLU B 237 -29.28 -4.51 9.64
CA GLU B 237 -27.97 -3.81 9.79
C GLU B 237 -28.12 -2.34 9.35
N SER B 238 -27.69 -1.40 10.20
CA SER B 238 -27.65 0.04 9.82
C SER B 238 -26.52 0.26 8.80
N PHE B 239 -26.52 1.43 8.17
CA PHE B 239 -25.38 1.90 7.34
C PHE B 239 -24.17 2.10 8.26
N ASP B 240 -24.35 2.69 9.44
CA ASP B 240 -23.20 2.92 10.37
C ASP B 240 -22.40 1.62 10.45
N HIS B 241 -23.10 0.54 10.80
CA HIS B 241 -22.55 -0.83 11.05
C HIS B 241 -21.88 -1.40 9.78
N TYR B 242 -22.57 -1.29 8.64
CA TYR B 242 -22.12 -1.82 7.32
C TYR B 242 -20.86 -1.09 6.82
N PHE B 243 -20.88 0.24 6.79
CA PHE B 243 -19.73 1.09 6.37
C PHE B 243 -18.52 0.71 7.23
N ASP B 244 -18.69 0.48 8.53
CA ASP B 244 -17.52 0.18 9.39
C ASP B 244 -16.97 -1.19 8.99
N ARG B 245 -17.79 -2.06 8.38
CA ARG B 245 -17.36 -3.37 7.79
C ARG B 245 -16.64 -3.16 6.46
N LEU B 246 -17.13 -2.24 5.60
CA LEU B 246 -16.51 -1.94 4.28
C LEU B 246 -15.09 -1.36 4.48
N LYS B 247 -14.90 -0.50 5.49
CA LYS B 247 -13.60 0.13 5.88
C LYS B 247 -12.48 -0.90 6.10
N ARG B 248 -12.80 -2.12 6.50
CA ARG B 248 -11.80 -3.17 6.84
C ARG B 248 -11.82 -4.23 5.73
N SER B 249 -12.63 -4.01 4.69
CA SER B 249 -12.90 -4.96 3.59
C SER B 249 -11.97 -4.68 2.42
N PRO B 250 -11.82 -5.59 1.43
CA PRO B 250 -11.04 -5.30 0.23
C PRO B 250 -11.45 -4.04 -0.53
N VAL B 251 -12.73 -3.68 -0.54
CA VAL B 251 -13.23 -2.55 -1.37
C VAL B 251 -12.81 -1.21 -0.73
N TRP B 252 -12.14 -1.22 0.43
CA TRP B 252 -11.38 -0.04 0.95
C TRP B 252 -9.86 -0.26 0.96
N THR B 253 -9.36 -1.50 0.89
CA THR B 253 -7.93 -1.80 1.20
C THR B 253 -7.16 -2.33 -0.01
N SER B 254 -7.81 -2.71 -1.13
CA SER B 254 -7.08 -3.10 -2.37
C SER B 254 -6.67 -1.83 -3.11
N THR B 255 -5.85 -2.02 -4.15
CA THR B 255 -5.58 -1.06 -5.25
C THR B 255 -6.76 -1.12 -6.23
N ASP B 256 -7.49 -2.24 -6.25
CA ASP B 256 -8.67 -2.45 -7.10
C ASP B 256 -9.90 -1.82 -6.44
N THR B 257 -9.87 -0.50 -6.22
CA THR B 257 -10.89 0.25 -5.46
C THR B 257 -10.98 1.70 -5.93
N ALA B 258 -12.16 2.30 -5.80
CA ALA B 258 -12.38 3.74 -5.97
C ALA B 258 -11.37 4.52 -5.12
N ARG B 259 -11.08 4.05 -3.91
CA ARG B 259 -10.14 4.76 -3.01
C ARG B 259 -8.80 5.00 -3.72
N TYR B 260 -8.21 3.95 -4.30
CA TYR B 260 -6.93 4.04 -5.05
C TYR B 260 -7.09 4.95 -6.28
N ASP B 261 -8.01 4.66 -7.20
CA ASP B 261 -8.23 5.40 -8.48
C ASP B 261 -8.59 6.87 -8.19
N LEU B 262 -9.11 7.17 -7.00
CA LEU B 262 -9.48 8.54 -6.52
C LEU B 262 -8.20 9.30 -6.11
N SER B 263 -7.20 8.61 -5.57
CA SER B 263 -5.96 9.26 -5.08
C SER B 263 -5.16 9.88 -6.24
N VAL B 264 -4.26 10.80 -5.87
CA VAL B 264 -3.23 11.43 -6.75
C VAL B 264 -2.48 10.34 -7.54
N SER B 265 -1.77 9.45 -6.86
CA SER B 265 -0.95 8.42 -7.51
C SER B 265 -1.84 7.37 -8.19
N GLY B 266 -3.04 7.11 -7.68
CA GLY B 266 -4.03 6.22 -8.34
C GLY B 266 -4.46 6.71 -9.71
N ALA B 267 -4.64 8.02 -9.86
CA ALA B 267 -5.11 8.69 -11.09
C ALA B 267 -3.96 8.80 -12.09
N LEU B 268 -2.74 9.02 -11.61
CA LEU B 268 -1.52 9.06 -12.47
C LEU B 268 -1.41 7.72 -13.20
N LYS B 269 -1.51 6.62 -12.45
CA LYS B 269 -1.39 5.24 -12.99
C LYS B 269 -2.51 5.00 -14.02
N LEU B 270 -3.70 5.52 -13.75
CA LEU B 270 -4.88 5.40 -14.65
C LEU B 270 -4.61 6.20 -15.93
N ASN B 271 -4.24 7.47 -15.77
CA ASN B 271 -3.87 8.41 -16.85
C ASN B 271 -2.82 7.82 -17.79
N GLN B 272 -1.91 6.99 -17.24
CA GLN B 272 -0.76 6.45 -18.00
C GLN B 272 -1.26 5.46 -19.06
N TRP B 273 -2.47 4.91 -18.96
CA TRP B 273 -2.95 3.92 -19.96
C TRP B 273 -4.34 4.25 -20.50
N VAL B 274 -5.10 5.14 -19.87
CA VAL B 274 -6.46 5.53 -20.36
C VAL B 274 -6.32 6.86 -21.10
N GLN B 275 -6.23 6.76 -22.43
CA GLN B 275 -6.00 7.91 -23.35
C GLN B 275 -7.31 8.25 -24.04
N ALA B 276 -7.37 9.42 -24.67
CA ALA B 276 -8.51 9.89 -25.46
C ALA B 276 -8.45 9.24 -26.84
N SER B 277 -9.48 8.48 -27.19
CA SER B 277 -9.68 7.91 -28.55
C SER B 277 -9.94 9.07 -29.49
N PRO B 278 -9.23 9.19 -30.65
CA PRO B 278 -9.53 10.24 -31.62
C PRO B 278 -10.90 10.11 -32.31
N ASN B 279 -11.69 9.05 -32.00
CA ASN B 279 -13.07 8.81 -32.51
C ASN B 279 -14.13 9.36 -31.53
N THR B 280 -13.77 9.72 -30.31
CA THR B 280 -14.72 10.26 -29.30
C THR B 280 -14.47 11.76 -29.07
N TYR B 281 -15.55 12.52 -28.84
CA TYR B 281 -15.54 13.94 -28.38
C TYR B 281 -15.47 13.94 -26.86
N TYR B 282 -14.68 14.83 -26.28
CA TYR B 282 -14.51 14.96 -24.82
C TYR B 282 -14.79 16.40 -24.42
N LEU B 283 -15.69 16.56 -23.45
CA LEU B 283 -16.03 17.86 -22.80
C LEU B 283 -15.71 17.72 -21.31
N SER B 284 -15.09 18.73 -20.71
CA SER B 284 -14.77 18.80 -19.26
C SER B 284 -15.43 20.06 -18.68
N PHE B 285 -16.23 19.89 -17.65
CA PHE B 285 -16.76 20.99 -16.82
C PHE B 285 -16.00 20.92 -15.50
N SER B 286 -15.46 22.08 -15.11
CA SER B 286 -14.84 22.35 -13.80
C SER B 286 -15.82 23.04 -12.85
N THR B 287 -15.66 22.80 -11.54
CA THR B 287 -16.43 23.37 -10.41
C THR B 287 -15.50 24.04 -9.40
N GLU B 288 -15.90 25.18 -8.83
CA GLU B 288 -15.17 25.85 -7.71
C GLU B 288 -16.20 26.44 -6.76
N ARG B 289 -15.88 26.43 -5.46
CA ARG B 289 -16.76 26.98 -4.39
C ARG B 289 -15.90 27.54 -3.25
N THR B 290 -14.82 28.24 -3.59
CA THR B 290 -13.85 28.73 -2.59
C THR B 290 -13.41 30.16 -2.94
N TYR B 291 -12.90 30.86 -1.93
CA TYR B 291 -12.18 32.15 -2.05
C TYR B 291 -10.74 31.90 -1.60
N ARG B 292 -9.79 32.59 -2.24
CA ARG B 292 -8.37 32.69 -1.82
C ARG B 292 -8.30 33.62 -0.59
N GLY B 293 -7.50 33.27 0.41
CA GLY B 293 -7.37 34.12 1.62
C GLY B 293 -6.29 35.18 1.44
N ALA B 294 -6.42 36.26 2.20
CA ALA B 294 -5.41 37.35 2.29
C ALA B 294 -4.11 36.86 2.98
N LEU B 295 -4.15 35.76 3.75
CA LEU B 295 -2.94 35.27 4.47
C LEU B 295 -1.91 34.69 3.48
N THR B 296 -2.09 33.44 3.01
CA THR B 296 -1.08 32.72 2.17
C THR B 296 -1.69 32.18 0.89
N GLY B 297 -2.82 32.70 0.41
CA GLY B 297 -3.49 32.16 -0.79
C GLY B 297 -3.97 30.71 -0.61
N ASN B 298 -4.18 30.27 0.63
CA ASN B 298 -5.03 29.10 0.91
C ASN B 298 -6.46 29.46 0.46
N HIS B 299 -7.30 28.46 0.23
CA HIS B 299 -8.72 28.63 -0.21
C HIS B 299 -9.63 28.15 0.91
N TYR B 300 -10.78 28.79 1.09
CA TYR B 300 -11.78 28.50 2.17
C TYR B 300 -13.16 28.33 1.54
N PRO B 301 -14.07 27.57 2.18
CA PRO B 301 -15.38 27.32 1.58
C PRO B 301 -16.20 28.62 1.51
N GLU B 302 -16.90 28.82 0.40
CA GLU B 302 -17.88 29.93 0.22
C GLU B 302 -19.13 29.70 1.10
N LEU B 303 -19.79 30.80 1.43
CA LEU B 303 -21.23 30.82 1.79
C LEU B 303 -21.94 29.85 0.82
N GLY B 304 -22.74 28.93 1.34
CA GLY B 304 -23.63 28.08 0.54
C GLY B 304 -23.05 26.72 0.20
N MET B 305 -21.74 26.50 0.34
CA MET B 305 -21.20 25.13 0.15
C MET B 305 -21.95 24.20 1.11
N ASN B 306 -22.22 22.96 0.69
CA ASN B 306 -22.92 21.94 1.50
C ASN B 306 -22.18 21.76 2.83
N ALA B 307 -22.95 21.67 3.94
CA ALA B 307 -22.48 21.69 5.34
C ALA B 307 -21.26 20.79 5.50
N PHE B 308 -21.35 19.58 4.92
CA PHE B 308 -20.39 18.49 5.18
C PHE B 308 -19.01 18.89 4.64
N SER B 309 -18.94 19.25 3.35
CA SER B 309 -17.72 19.67 2.64
C SER B 309 -17.09 20.90 3.33
N ALA B 310 -17.92 21.85 3.79
CA ALA B 310 -17.48 23.19 4.25
C ALA B 310 -16.78 23.08 5.61
N VAL B 311 -17.18 22.10 6.41
CA VAL B 311 -16.70 21.86 7.80
C VAL B 311 -15.55 20.85 7.74
N VAL B 312 -15.71 19.76 6.99
CA VAL B 312 -14.85 18.55 7.09
C VAL B 312 -13.78 18.54 5.97
N CYS B 313 -14.08 18.95 4.73
CA CYS B 313 -13.25 18.64 3.53
C CYS B 313 -12.52 19.87 2.97
N ALA B 314 -13.22 21.00 2.94
CA ALA B 314 -12.80 22.23 2.26
C ALA B 314 -11.56 22.77 2.94
N PRO B 315 -11.57 23.00 4.27
CA PRO B 315 -10.37 23.57 4.93
C PRO B 315 -9.11 22.83 4.46
N PHE B 316 -9.22 21.50 4.32
CA PHE B 316 -8.08 20.58 4.03
C PHE B 316 -7.67 20.74 2.58
N LEU B 317 -8.62 20.62 1.65
CA LEU B 317 -8.34 20.73 0.20
C LEU B 317 -7.76 22.11 -0.10
N GLY B 318 -7.99 23.11 0.74
CA GLY B 318 -7.61 24.51 0.48
C GLY B 318 -6.33 24.89 1.19
N SER B 319 -5.71 23.94 1.89
CA SER B 319 -4.44 24.14 2.64
C SER B 319 -3.42 23.02 2.37
N TYR B 320 -3.84 21.83 1.96
CA TYR B 320 -2.93 20.68 1.79
C TYR B 320 -2.00 20.90 0.59
N ARG B 321 -0.70 20.84 0.89
CA ARG B 321 0.37 20.89 -0.12
C ARG B 321 1.17 19.57 -0.02
N GLU B 322 1.69 19.12 -1.15
CA GLU B 322 2.80 18.14 -1.21
C GLU B 322 3.82 18.72 -2.20
N PRO B 323 4.76 19.58 -1.73
CA PRO B 323 5.75 20.22 -2.60
C PRO B 323 6.55 19.26 -3.51
N THR B 324 6.85 18.06 -3.00
CA THR B 324 7.64 16.96 -3.65
C THR B 324 6.98 16.54 -4.98
N LEU B 325 5.65 16.67 -5.09
CA LEU B 325 4.77 16.30 -6.25
C LEU B 325 4.30 17.58 -6.95
N GLY B 326 4.79 18.76 -6.53
CA GLY B 326 4.36 20.07 -7.04
C GLY B 326 2.87 20.34 -6.81
N ILE B 327 2.29 19.69 -5.80
CA ILE B 327 0.87 19.93 -5.41
C ILE B 327 0.90 21.20 -4.58
N ASP B 328 0.42 22.30 -5.16
CA ASP B 328 0.84 23.67 -4.74
C ASP B 328 -0.37 24.62 -4.75
N ASP B 329 -0.11 25.94 -4.87
CA ASP B 329 -1.18 26.94 -4.66
C ASP B 329 -2.27 26.69 -5.70
N ARG B 330 -1.91 26.13 -6.85
CA ARG B 330 -2.85 25.84 -7.99
C ARG B 330 -3.84 24.71 -7.64
N TRP B 331 -3.51 23.88 -6.66
CA TRP B 331 -4.38 22.74 -6.26
C TRP B 331 -5.41 23.16 -5.20
N LEU B 332 -5.30 24.36 -4.59
CA LEU B 332 -6.05 24.70 -3.33
C LEU B 332 -7.50 25.11 -3.63
N GLU B 333 -7.76 25.74 -4.78
CA GLU B 333 -9.14 25.97 -5.31
C GLU B 333 -9.83 24.62 -5.52
N ASN B 334 -11.12 24.52 -5.16
CA ASN B 334 -11.86 23.23 -5.11
C ASN B 334 -13.37 23.39 -4.97
N ASP B 335 -14.10 22.30 -5.22
CA ASP B 335 -15.58 22.29 -5.25
C ASP B 335 -16.12 21.68 -3.96
N GLY B 336 -15.26 21.51 -2.96
CA GLY B 336 -15.63 20.96 -1.66
C GLY B 336 -15.25 19.49 -1.56
N ILE B 337 -15.12 18.78 -2.67
CA ILE B 337 -14.64 17.36 -2.68
C ILE B 337 -13.37 17.27 -3.52
N VAL B 338 -13.33 17.90 -4.71
CA VAL B 338 -12.25 17.69 -5.73
C VAL B 338 -11.52 19.00 -6.08
N ASN B 339 -10.19 18.94 -6.16
CA ASN B 339 -9.30 20.07 -6.54
C ASN B 339 -9.67 20.51 -7.96
N THR B 340 -10.09 21.75 -8.11
CA THR B 340 -10.56 22.35 -9.39
C THR B 340 -9.55 22.08 -10.52
N VAL B 341 -8.25 22.12 -10.22
CA VAL B 341 -7.17 21.99 -11.25
C VAL B 341 -7.28 20.63 -11.94
N SER B 342 -7.84 19.63 -11.25
CA SER B 342 -7.80 18.19 -11.59
C SER B 342 -8.94 17.81 -12.54
N MET B 343 -9.71 18.82 -13.00
CA MET B 343 -11.09 18.66 -13.58
C MET B 343 -11.13 18.92 -15.10
N ASN B 344 -10.18 19.67 -15.65
CA ASN B 344 -10.28 20.14 -17.04
C ASN B 344 -9.88 18.95 -17.92
N GLY B 345 -9.14 18.00 -17.33
CA GLY B 345 -8.84 16.70 -17.96
C GLY B 345 -7.53 16.13 -17.43
N PRO B 346 -7.16 14.91 -17.86
CA PRO B 346 -5.98 14.23 -17.30
C PRO B 346 -4.71 14.97 -17.71
N LYS B 347 -3.83 15.25 -16.76
CA LYS B 347 -2.55 15.96 -17.04
C LYS B 347 -1.36 15.10 -16.57
N ARG B 348 -1.36 14.67 -15.31
CA ARG B 348 -0.26 13.89 -14.69
C ARG B 348 -0.34 12.45 -15.19
N GLY B 349 0.65 12.01 -15.98
CA GLY B 349 0.64 10.71 -16.70
C GLY B 349 -0.07 10.78 -18.06
N SER B 350 -0.51 11.96 -18.49
CA SER B 350 -1.36 12.11 -19.71
C SER B 350 -0.58 12.82 -20.81
N SER B 351 -0.77 12.31 -22.03
CA SER B 351 -0.45 12.98 -23.31
C SER B 351 -1.74 13.54 -23.92
N ASP B 352 -2.92 13.30 -23.31
CA ASP B 352 -4.22 13.81 -23.83
C ASP B 352 -4.06 15.33 -23.97
N ARG B 353 -4.66 15.91 -25.00
CA ARG B 353 -4.61 17.38 -25.24
C ARG B 353 -5.87 18.00 -24.63
N ILE B 354 -5.71 19.18 -24.03
CA ILE B 354 -6.81 20.01 -23.43
C ILE B 354 -6.84 21.36 -24.13
N VAL B 355 -8.02 21.76 -24.59
CA VAL B 355 -8.26 22.97 -25.43
C VAL B 355 -9.43 23.73 -24.81
N PRO B 356 -9.26 24.98 -24.33
CA PRO B 356 -10.40 25.81 -23.93
C PRO B 356 -11.44 26.02 -25.07
N TYR B 357 -12.71 25.71 -24.81
CA TYR B 357 -13.85 25.87 -25.76
C TYR B 357 -13.79 27.23 -26.50
N ASP B 358 -13.80 27.17 -27.84
CA ASP B 358 -13.76 28.33 -28.75
C ASP B 358 -15.00 28.34 -29.66
N GLY B 359 -16.14 27.82 -29.20
CA GLY B 359 -17.40 27.81 -29.97
C GLY B 359 -17.55 26.58 -30.86
N THR B 360 -16.44 25.95 -31.29
CA THR B 360 -16.40 24.71 -32.11
C THR B 360 -15.84 23.55 -31.27
N LEU B 361 -16.55 22.42 -31.20
CA LEU B 361 -16.18 21.22 -30.41
C LEU B 361 -15.40 20.28 -31.31
N LYS B 362 -14.20 19.85 -30.89
CA LYS B 362 -13.25 18.99 -31.66
C LYS B 362 -13.26 17.54 -31.11
N LYS B 363 -13.09 16.57 -32.01
CA LYS B 363 -12.88 15.13 -31.67
C LYS B 363 -11.46 14.98 -31.12
N GLY B 364 -11.25 14.02 -30.21
CA GLY B 364 -9.93 13.44 -29.85
C GLY B 364 -9.18 14.19 -28.77
N VAL B 365 -9.74 15.29 -28.26
CA VAL B 365 -9.10 16.24 -27.33
C VAL B 365 -10.13 16.59 -26.26
N TRP B 366 -9.64 17.22 -25.19
CA TRP B 366 -10.49 17.69 -24.08
C TRP B 366 -11.00 19.10 -24.42
N ASN B 367 -12.31 19.22 -24.61
CA ASN B 367 -13.02 20.49 -24.86
C ASN B 367 -13.47 21.00 -23.50
N ASP B 368 -12.69 21.93 -22.96
CA ASP B 368 -12.84 22.54 -21.62
C ASP B 368 -13.99 23.56 -21.69
N MET B 369 -15.16 23.22 -21.16
CA MET B 369 -16.34 24.12 -21.22
C MET B 369 -16.24 25.19 -20.12
N GLY B 370 -15.10 25.26 -19.43
CA GLY B 370 -14.83 26.28 -18.40
C GLY B 370 -15.21 25.86 -16.99
N THR B 371 -15.29 26.83 -16.09
CA THR B 371 -15.33 26.60 -14.61
C THR B 371 -16.61 27.24 -14.04
N TYR B 372 -17.42 26.46 -13.32
CA TYR B 372 -18.72 26.90 -12.76
C TYR B 372 -18.59 27.04 -11.24
N ASN B 373 -19.25 28.04 -10.67
CA ASN B 373 -19.20 28.38 -9.23
C ASN B 373 -20.32 27.58 -8.57
N VAL B 374 -20.12 26.26 -8.52
CA VAL B 374 -21.12 25.23 -8.08
C VAL B 374 -20.33 24.13 -7.39
N ASP B 375 -20.76 23.69 -6.21
CA ASP B 375 -20.02 22.71 -5.40
C ASP B 375 -20.34 21.31 -5.93
N HIS B 376 -19.63 20.29 -5.42
CA HIS B 376 -19.55 18.90 -5.95
C HIS B 376 -20.93 18.25 -5.97
N LEU B 377 -21.75 18.57 -4.96
CA LEU B 377 -23.13 18.02 -4.79
C LEU B 377 -24.18 18.97 -5.38
N GLU B 378 -23.89 20.28 -5.42
CA GLU B 378 -24.80 21.29 -6.01
C GLU B 378 -25.00 20.99 -7.50
N ILE B 379 -23.95 20.58 -8.20
CA ILE B 379 -23.94 20.44 -9.70
C ILE B 379 -24.80 19.23 -10.13
N ILE B 380 -25.13 18.31 -9.22
CA ILE B 380 -26.09 17.21 -9.51
C ILE B 380 -27.37 17.38 -8.66
N GLY B 381 -27.51 18.53 -8.02
CA GLY B 381 -28.74 18.95 -7.33
C GLY B 381 -28.94 18.27 -5.99
N VAL B 382 -27.91 17.57 -5.50
CA VAL B 382 -28.01 16.81 -4.22
C VAL B 382 -27.91 17.80 -3.06
N ASP B 383 -27.30 18.96 -3.27
CA ASP B 383 -27.33 20.08 -2.30
C ASP B 383 -27.94 21.29 -3.01
N PRO B 384 -28.83 22.05 -2.34
CA PRO B 384 -29.48 23.19 -2.95
C PRO B 384 -28.48 24.30 -3.34
N ASN B 385 -28.88 25.15 -4.32
CA ASN B 385 -28.20 26.40 -4.73
C ASN B 385 -29.12 27.09 -5.73
N PRO B 386 -30.00 28.02 -5.28
CA PRO B 386 -30.93 28.72 -6.16
C PRO B 386 -30.26 29.59 -7.25
N SER B 387 -29.07 30.13 -6.98
CA SER B 387 -28.26 30.91 -7.97
C SER B 387 -27.94 30.06 -9.20
N PHE B 388 -27.88 28.73 -9.08
CA PHE B 388 -27.48 27.83 -10.20
C PHE B 388 -28.73 27.28 -10.90
N ASP B 389 -28.95 27.73 -12.14
CA ASP B 389 -30.02 27.22 -13.03
C ASP B 389 -29.59 25.83 -13.53
N ILE B 390 -29.94 24.80 -12.79
CA ILE B 390 -29.41 23.41 -13.01
C ILE B 390 -30.04 22.85 -14.30
N ARG B 391 -31.35 23.04 -14.49
CA ARG B 391 -32.08 22.61 -15.71
C ARG B 391 -31.43 23.26 -16.94
N ALA B 392 -31.29 24.58 -16.93
CA ALA B 392 -30.71 25.34 -18.07
C ALA B 392 -29.34 24.75 -18.40
N PHE B 393 -28.50 24.53 -17.38
CA PHE B 393 -27.14 23.98 -17.50
C PHE B 393 -27.19 22.66 -18.29
N TYR B 394 -28.09 21.77 -17.89
CA TYR B 394 -28.16 20.36 -18.39
C TYR B 394 -28.88 20.29 -19.75
N LEU B 395 -29.93 21.09 -19.96
CA LEU B 395 -30.54 21.24 -21.29
C LEU B 395 -29.52 21.83 -22.27
N ARG B 396 -28.67 22.76 -21.83
CA ARG B 396 -27.71 23.49 -22.72
C ARG B 396 -26.69 22.48 -23.26
N LEU B 397 -26.21 21.60 -22.38
CA LEU B 397 -25.24 20.51 -22.70
C LEU B 397 -25.88 19.52 -23.70
N ALA B 398 -27.10 19.07 -23.44
CA ALA B 398 -27.83 18.13 -24.31
C ALA B 398 -27.81 18.67 -25.75
N GLU B 399 -28.23 19.94 -25.91
CA GLU B 399 -28.19 20.66 -27.21
C GLU B 399 -26.75 20.59 -27.76
N GLN B 400 -25.71 20.90 -26.97
CA GLN B 400 -24.31 20.85 -27.45
C GLN B 400 -23.99 19.45 -28.00
N LEU B 401 -24.30 18.39 -27.25
CA LEU B 401 -23.97 16.99 -27.63
C LEU B 401 -24.75 16.58 -28.87
N ALA B 402 -26.08 16.76 -28.88
CA ALA B 402 -26.94 16.52 -30.07
C ALA B 402 -26.39 17.30 -31.30
N SER B 403 -25.73 18.43 -31.08
CA SER B 403 -25.22 19.27 -32.18
C SER B 403 -23.99 18.61 -32.83
N LEU B 404 -23.37 17.62 -32.19
CA LEU B 404 -22.09 16.97 -32.63
C LEU B 404 -22.31 16.22 -33.95
N ARG B 405 -21.45 16.47 -34.94
CA ARG B 405 -21.41 15.73 -36.24
C ARG B 405 -20.81 14.34 -35.99
N PRO B 406 -21.56 13.27 -36.31
CA PRO B 406 -21.14 11.90 -36.02
C PRO B 406 -19.69 11.57 -36.41
ZN ZN C . 30.28 -18.38 9.70
CA CA D . 3.90 2.46 1.51
ZN ZN E . -11.79 -5.63 -9.89
CA CA F . -25.54 24.80 -1.45
#